data_4N5F
#
_entry.id   4N5F
#
_cell.length_a   97.470
_cell.length_b   97.470
_cell.length_c   168.950
_cell.angle_alpha   90.000
_cell.angle_beta   90.000
_cell.angle_gamma   90.000
#
_symmetry.space_group_name_H-M   'P 43 21 2'
#
loop_
_entity.id
_entity.type
_entity.pdbx_description
1 polymer 'Putative acyl-CoA dehydrogenase'
2 non-polymer 'DIHYDROFLAVINE-ADENINE DINUCLEOTIDE'
3 non-polymer 'UNKNOWN LIGAND'
4 water water
#
_entity_poly.entity_id   1
_entity_poly.type   'polypeptide(L)'
_entity_poly.pdbx_seq_one_letter_code
;MAHHHHHHMDELYTEDQRMIRDAARAFATEMLAPNAAQWDHDAHLPDAIVAQLGELGLLGMIVPQELGGSYTDYVAYALA
MEEVAAGDAACATMMSVHNSVGCGPILGFGTPAQKDRWLADMAAGRVIGAFCLTEPHAGSEANNLRTRAELRDGQWVLNG
AKQFVTNGQRAGVAIVFAMTDPEAGKRGISAFLVPTDTPGFIVGKPEKKMGIRASDTCPITFENCAIPEDNLLGNRGEGL
KIALSNLEGGRIGIAAQALGIARAAFDKARRYAGERVQFGKPIAEHQAIQQKLADMAVQINAARLLVHHAAKLRTAGLPC
LSEASQAKLFASEMAERVCSDAIQIHGGYGYLVDYEVERHYRDARITQIYEGTSEVQRMVIARQL
;
_entity_poly.pdbx_strand_id   A,B
#
loop_
_chem_comp.id
_chem_comp.type
_chem_comp.name
_chem_comp.formula
FDA non-polymer 'DIHYDROFLAVINE-ADENINE DINUCLEOTIDE' 'C27 H35 N9 O15 P2'
UNX non-polymer 'UNKNOWN ATOM OR ION' ?
#
# COMPACT_ATOMS: atom_id res chain seq x y z
N HIS A 8 1.07 15.90 -4.18
CA HIS A 8 1.12 15.11 -2.91
C HIS A 8 2.26 14.11 -3.01
N MET A 9 2.18 13.29 -4.06
CA MET A 9 3.21 12.30 -4.38
C MET A 9 4.09 12.73 -5.56
N ASP A 10 3.92 13.96 -6.05
CA ASP A 10 4.38 14.36 -7.39
C ASP A 10 5.87 14.22 -7.72
N GLU A 11 6.75 14.49 -6.76
CA GLU A 11 8.20 14.42 -7.01
C GLU A 11 8.62 12.97 -7.32
N LEU A 12 7.73 12.02 -7.06
CA LEU A 12 7.99 10.63 -7.44
C LEU A 12 7.60 10.36 -8.89
N TYR A 13 6.98 11.34 -9.56
CA TYR A 13 6.51 11.12 -10.92
C TYR A 13 7.42 11.84 -11.94
N THR A 14 7.55 11.26 -13.13
CA THR A 14 8.25 11.93 -14.23
C THR A 14 7.43 13.14 -14.69
N GLU A 15 8.02 14.01 -15.49
CA GLU A 15 7.30 15.18 -16.00
C GLU A 15 6.16 14.75 -16.94
N ASP A 16 6.40 13.74 -17.75
CA ASP A 16 5.33 13.20 -18.59
C ASP A 16 4.16 12.64 -17.81
N GLN A 17 4.47 11.87 -16.79
CA GLN A 17 3.43 11.32 -15.94
C GLN A 17 2.63 12.48 -15.32
N ARG A 18 3.30 13.48 -14.76
CA ARG A 18 2.61 14.66 -14.22
C ARG A 18 1.75 15.37 -15.23
N MET A 19 2.24 15.49 -16.46
CA MET A 19 1.54 16.19 -17.54
C MET A 19 0.27 15.42 -17.91
N ILE A 20 0.40 14.11 -18.02
CA ILE A 20 -0.73 13.26 -18.34
C ILE A 20 -1.74 13.31 -17.20
N ARG A 21 -1.29 13.19 -15.97
CA ARG A 21 -2.18 13.31 -14.80
C ARG A 21 -2.96 14.65 -14.82
N ASP A 22 -2.24 15.76 -15.06
CA ASP A 22 -2.83 17.10 -15.10
C ASP A 22 -3.87 17.25 -16.21
N ALA A 23 -3.58 16.72 -17.39
CA ALA A 23 -4.53 16.84 -18.49
C ALA A 23 -5.78 16.02 -18.21
N ALA A 24 -5.59 14.83 -17.64
CA ALA A 24 -6.73 13.95 -17.32
C ALA A 24 -7.63 14.60 -16.25
N ARG A 25 -7.01 15.22 -15.24
CA ARG A 25 -7.75 15.90 -14.18
C ARG A 25 -8.53 17.12 -14.66
N ALA A 26 -7.89 17.94 -15.50
CA ALA A 26 -8.55 19.13 -16.06
C ALA A 26 -9.81 18.70 -16.88
N PHE A 27 -9.65 17.67 -17.71
CA PHE A 27 -10.76 17.11 -18.44
C PHE A 27 -11.87 16.60 -17.50
N ALA A 28 -11.50 15.82 -16.49
CA ALA A 28 -12.49 15.32 -15.54
C ALA A 28 -13.23 16.44 -14.79
N THR A 29 -12.47 17.43 -14.30
CA THR A 29 -13.02 18.55 -13.55
C THR A 29 -14.00 19.36 -14.44
N GLU A 30 -13.58 19.61 -15.67
CA GLU A 30 -14.40 20.38 -16.56
C GLU A 30 -15.54 19.60 -17.21
N MET A 31 -15.28 18.42 -17.73
CA MET A 31 -16.27 17.67 -18.55
C MET A 31 -16.97 16.47 -17.89
N LEU A 32 -16.41 15.89 -16.82
CA LEU A 32 -17.01 14.72 -16.19
C LEU A 32 -17.77 15.04 -14.90
N ALA A 33 -17.07 15.57 -13.93
CA ALA A 33 -17.66 15.84 -12.60
C ALA A 33 -18.94 16.67 -12.65
N PRO A 34 -19.02 17.73 -13.48
CA PRO A 34 -20.31 18.43 -13.44
C PRO A 34 -21.51 17.63 -14.00
N ASN A 35 -21.25 16.60 -14.80
CA ASN A 35 -22.33 15.89 -15.52
C ASN A 35 -22.59 14.47 -15.06
N ALA A 36 -21.73 13.96 -14.14
CA ALA A 36 -21.82 12.57 -13.69
C ALA A 36 -23.19 12.27 -13.09
N ALA A 37 -23.73 13.21 -12.32
CA ALA A 37 -25.03 13.04 -11.69
C ALA A 37 -26.15 12.88 -12.75
N GLN A 38 -26.05 13.66 -13.82
CA GLN A 38 -27.02 13.59 -14.92
C GLN A 38 -26.96 12.27 -15.67
N TRP A 39 -25.76 11.84 -15.97
CA TRP A 39 -25.56 10.57 -16.68
C TRP A 39 -26.01 9.35 -15.83
N ASP A 40 -25.79 9.42 -14.52
CA ASP A 40 -26.28 8.41 -13.61
C ASP A 40 -27.83 8.35 -13.66
N HIS A 41 -28.46 9.53 -13.56
CA HIS A 41 -29.92 9.65 -13.67
C HIS A 41 -30.43 9.14 -15.02
N ASP A 42 -29.78 9.50 -16.13
CA ASP A 42 -30.22 9.08 -17.47
C ASP A 42 -29.79 7.65 -17.78
N ALA A 43 -28.89 7.09 -16.99
CA ALA A 43 -28.29 5.81 -17.32
C ALA A 43 -27.74 5.84 -18.73
N HIS A 44 -27.03 6.91 -19.06
CA HIS A 44 -26.51 7.06 -20.39
C HIS A 44 -25.34 8.01 -20.49
N LEU A 45 -24.32 7.59 -21.20
CA LEU A 45 -23.12 8.36 -21.42
C LEU A 45 -23.20 8.95 -22.82
N PRO A 46 -23.14 10.29 -22.94
CA PRO A 46 -23.20 10.85 -24.29
C PRO A 46 -22.06 10.40 -25.19
N ASP A 47 -22.40 10.14 -26.44
CA ASP A 47 -21.40 9.76 -27.45
C ASP A 47 -20.31 10.83 -27.60
N ALA A 48 -20.71 12.10 -27.54
CA ALA A 48 -19.74 13.22 -27.55
C ALA A 48 -18.66 13.18 -26.44
N ILE A 49 -18.96 12.65 -25.26
CA ILE A 49 -17.97 12.56 -24.18
C ILE A 49 -16.97 11.45 -24.48
N VAL A 50 -17.49 10.30 -24.92
CA VAL A 50 -16.65 9.21 -25.39
C VAL A 50 -15.69 9.69 -26.46
N ALA A 51 -16.22 10.39 -27.45
CA ALA A 51 -15.37 10.95 -28.50
C ALA A 51 -14.31 11.91 -27.92
N GLN A 52 -14.62 12.64 -26.86
CA GLN A 52 -13.59 13.51 -26.26
C GLN A 52 -12.50 12.71 -25.54
N LEU A 53 -12.89 11.64 -24.86
CA LEU A 53 -11.90 10.77 -24.24
C LEU A 53 -10.97 10.26 -25.33
N GLY A 54 -11.52 9.80 -26.46
CA GLY A 54 -10.74 9.49 -27.68
C GLY A 54 -9.74 10.56 -28.15
N GLU A 55 -10.22 11.77 -28.42
CA GLU A 55 -9.36 12.87 -28.91
C GLU A 55 -8.19 13.16 -27.97
N LEU A 56 -8.43 13.02 -26.68
CA LEU A 56 -7.46 13.34 -25.66
C LEU A 56 -6.43 12.22 -25.48
N GLY A 57 -6.65 11.06 -26.10
CA GLY A 57 -5.68 9.96 -26.10
C GLY A 57 -5.88 8.95 -24.99
N LEU A 58 -6.98 9.10 -24.25
CA LEU A 58 -7.28 8.27 -23.07
C LEU A 58 -7.78 6.88 -23.45
N LEU A 59 -8.20 6.69 -24.69
CA LEU A 59 -8.62 5.39 -25.17
C LEU A 59 -7.55 4.67 -26.01
N GLY A 60 -6.32 5.18 -26.05
CA GLY A 60 -5.21 4.46 -26.71
C GLY A 60 -3.98 4.22 -25.82
N MET A 61 -4.17 4.24 -24.50
CA MET A 61 -3.04 4.33 -23.57
C MET A 61 -2.25 3.04 -23.38
N ILE A 62 -2.75 1.93 -23.93
CA ILE A 62 -2.05 0.65 -23.99
C ILE A 62 -1.42 0.36 -25.36
N VAL A 63 -1.73 1.14 -26.38
CA VAL A 63 -1.22 0.88 -27.74
C VAL A 63 0.01 1.74 -28.05
N PRO A 64 1.12 1.15 -28.51
CA PRO A 64 2.31 1.93 -28.86
C PRO A 64 2.02 3.07 -29.84
N GLN A 65 2.75 4.17 -29.67
CA GLN A 65 2.53 5.39 -30.43
C GLN A 65 2.72 5.15 -31.92
N GLU A 66 3.75 4.39 -32.28
CA GLU A 66 4.00 4.00 -33.68
C GLU A 66 2.84 3.22 -34.31
N LEU A 67 1.96 2.61 -33.52
CA LEU A 67 0.79 1.96 -34.10
C LEU A 67 -0.46 2.83 -34.00
N GLY A 68 -0.30 4.09 -33.62
CA GLY A 68 -1.43 5.04 -33.47
C GLY A 68 -1.94 5.28 -32.05
N GLY A 69 -1.28 4.73 -31.04
CA GLY A 69 -1.77 4.89 -29.68
C GLY A 69 -1.06 5.99 -28.93
N SER A 70 -1.17 5.95 -27.61
CA SER A 70 -0.58 6.96 -26.75
C SER A 70 0.19 6.33 -25.58
N TYR A 71 0.52 5.04 -25.69
CA TYR A 71 1.27 4.37 -24.61
C TYR A 71 2.56 5.11 -24.28
N THR A 72 2.81 5.32 -22.99
CA THR A 72 4.06 5.85 -22.48
C THR A 72 4.54 4.82 -21.49
N ASP A 73 3.82 4.70 -20.39
CA ASP A 73 4.04 3.65 -19.43
C ASP A 73 2.73 3.38 -18.64
N TYR A 74 2.70 2.30 -17.84
CA TYR A 74 1.45 1.93 -17.18
C TYR A 74 1.14 2.81 -15.97
N VAL A 75 2.16 3.50 -15.47
CA VAL A 75 1.94 4.47 -14.38
C VAL A 75 1.08 5.62 -14.87
N ALA A 76 1.42 6.17 -16.02
CA ALA A 76 0.61 7.22 -16.63
C ALA A 76 -0.84 6.75 -16.88
N TYR A 77 -1.03 5.54 -17.39
CA TYR A 77 -2.37 4.96 -17.53
C TYR A 77 -3.11 4.90 -16.17
N ALA A 78 -2.41 4.41 -15.14
CA ALA A 78 -3.03 4.31 -13.82
C ALA A 78 -3.41 5.70 -13.31
N LEU A 79 -2.59 6.69 -13.60
CA LEU A 79 -2.85 8.07 -13.18
C LEU A 79 -4.02 8.67 -13.94
N ALA A 80 -4.05 8.47 -15.26
CA ALA A 80 -5.17 8.93 -16.07
C ALA A 80 -6.48 8.29 -15.64
N MET A 81 -6.47 6.98 -15.35
CA MET A 81 -7.67 6.25 -14.89
C MET A 81 -8.20 6.72 -13.54
N GLU A 82 -7.30 6.98 -12.61
CA GLU A 82 -7.73 7.51 -11.31
C GLU A 82 -8.45 8.85 -11.48
N GLU A 83 -7.90 9.73 -12.32
CA GLU A 83 -8.51 11.06 -12.52
C GLU A 83 -9.85 10.97 -13.24
N VAL A 84 -9.94 10.12 -14.25
CA VAL A 84 -11.20 9.91 -14.94
C VAL A 84 -12.24 9.34 -14.01
N ALA A 85 -11.88 8.34 -13.21
CA ALA A 85 -12.84 7.74 -12.30
C ALA A 85 -13.33 8.74 -11.27
N ALA A 86 -12.44 9.63 -10.86
CA ALA A 86 -12.79 10.64 -9.88
C ALA A 86 -13.81 11.60 -10.46
N GLY A 87 -13.82 11.75 -11.80
CA GLY A 87 -14.80 12.59 -12.48
C GLY A 87 -16.11 11.86 -12.77
N ASP A 88 -15.99 10.65 -13.34
CA ASP A 88 -17.16 9.81 -13.62
C ASP A 88 -16.75 8.35 -13.70
N ALA A 89 -17.35 7.52 -12.85
CA ALA A 89 -17.03 6.11 -12.74
C ALA A 89 -17.39 5.34 -13.99
N ALA A 90 -18.50 5.69 -14.59
CA ALA A 90 -18.94 5.03 -15.86
C ALA A 90 -17.97 5.27 -17.01
N CYS A 91 -17.42 6.48 -17.12
CA CYS A 91 -16.40 6.70 -18.10
C CYS A 91 -15.21 5.84 -17.81
N ALA A 92 -14.85 5.70 -16.55
CA ALA A 92 -13.68 4.90 -16.21
C ALA A 92 -13.86 3.43 -16.60
N THR A 93 -15.06 2.90 -16.38
CA THR A 93 -15.37 1.51 -16.78
C THR A 93 -15.19 1.33 -18.27
N MET A 94 -15.83 2.24 -19.02
CA MET A 94 -15.73 2.26 -20.48
C MET A 94 -14.25 2.24 -20.89
N MET A 95 -13.46 3.10 -20.25
CA MET A 95 -12.07 3.35 -20.62
C MET A 95 -11.24 2.13 -20.27
N SER A 96 -11.44 1.57 -19.07
CA SER A 96 -10.64 0.44 -18.67
C SER A 96 -10.86 -0.78 -19.57
N VAL A 97 -12.11 -1.07 -19.83
CA VAL A 97 -12.43 -2.22 -20.65
C VAL A 97 -11.92 -2.00 -22.08
N HIS A 98 -12.22 -0.85 -22.65
CA HIS A 98 -11.75 -0.53 -24.02
C HIS A 98 -10.22 -0.64 -24.17
N ASN A 99 -9.45 -0.08 -23.24
CA ASN A 99 -8.00 -0.13 -23.32
C ASN A 99 -7.51 -1.57 -23.18
N SER A 100 -7.88 -2.22 -22.08
CA SER A 100 -7.23 -3.47 -21.72
C SER A 100 -7.71 -4.72 -22.47
N VAL A 101 -9.03 -4.86 -22.63
CA VAL A 101 -9.57 -6.06 -23.27
C VAL A 101 -10.24 -5.77 -24.63
N GLY A 102 -10.22 -4.51 -25.07
CA GLY A 102 -10.54 -4.17 -26.46
C GLY A 102 -9.29 -4.13 -27.32
N CYS A 103 -8.42 -3.16 -27.03
CA CYS A 103 -7.19 -2.97 -27.79
C CYS A 103 -6.21 -4.11 -27.50
N GLY A 104 -6.13 -4.53 -26.23
CA GLY A 104 -5.09 -5.49 -25.80
C GLY A 104 -5.02 -6.73 -26.68
N PRO A 105 -6.15 -7.43 -26.80
CA PRO A 105 -6.08 -8.69 -27.52
C PRO A 105 -5.72 -8.56 -29.00
N ILE A 106 -6.14 -7.48 -29.65
CA ILE A 106 -5.76 -7.21 -31.01
C ILE A 106 -4.27 -6.91 -31.10
N LEU A 107 -3.78 -6.10 -30.16
CA LEU A 107 -2.35 -5.83 -30.04
C LEU A 107 -1.55 -7.09 -29.75
N GLY A 108 -1.99 -7.90 -28.79
CA GLY A 108 -1.31 -9.15 -28.48
C GLY A 108 -1.34 -10.17 -29.61
N PHE A 109 -2.48 -10.34 -30.27
CA PHE A 109 -2.68 -11.54 -31.06
C PHE A 109 -3.16 -11.35 -32.47
N GLY A 110 -3.42 -10.10 -32.87
CA GLY A 110 -3.93 -9.80 -34.18
C GLY A 110 -2.84 -9.94 -35.23
N THR A 111 -3.25 -10.30 -36.46
CA THR A 111 -2.36 -10.28 -37.60
C THR A 111 -2.13 -8.82 -38.03
N PRO A 112 -1.10 -8.60 -38.86
CA PRO A 112 -0.86 -7.26 -39.42
C PRO A 112 -2.11 -6.66 -40.08
N ALA A 113 -2.87 -7.50 -40.77
CA ALA A 113 -4.08 -7.04 -41.46
C ALA A 113 -5.14 -6.62 -40.44
N GLN A 114 -5.27 -7.41 -39.37
CA GLN A 114 -6.24 -7.13 -38.34
C GLN A 114 -5.82 -5.88 -37.55
N LYS A 115 -4.54 -5.79 -37.22
CA LYS A 115 -4.05 -4.62 -36.50
C LYS A 115 -4.24 -3.39 -37.35
N ASP A 116 -3.97 -3.51 -38.67
CA ASP A 116 -4.07 -2.38 -39.57
C ASP A 116 -5.53 -1.93 -39.65
N ARG A 117 -6.46 -2.88 -39.76
CA ARG A 117 -7.88 -2.52 -39.79
C ARG A 117 -8.39 -1.86 -38.49
N TRP A 118 -7.90 -2.31 -37.33
CA TRP A 118 -8.54 -1.96 -36.07
C TRP A 118 -7.77 -1.06 -35.08
N LEU A 119 -6.47 -1.26 -34.93
CA LEU A 119 -5.78 -0.64 -33.80
C LEU A 119 -5.84 0.88 -33.73
N ALA A 120 -5.49 1.53 -34.83
CA ALA A 120 -5.51 3.01 -34.88
C ALA A 120 -6.86 3.54 -34.55
N ASP A 121 -7.90 2.97 -35.15
CA ASP A 121 -9.25 3.46 -34.91
C ASP A 121 -9.64 3.28 -33.44
N MET A 122 -9.29 2.13 -32.86
CA MET A 122 -9.68 1.86 -31.46
C MET A 122 -8.91 2.75 -30.50
N ALA A 123 -7.63 2.93 -30.78
CA ALA A 123 -6.75 3.75 -29.96
C ALA A 123 -7.17 5.21 -29.93
N ALA A 124 -7.78 5.66 -31.01
CA ALA A 124 -8.30 7.03 -31.07
C ALA A 124 -9.77 7.12 -30.57
N GLY A 125 -10.37 5.99 -30.28
CA GLY A 125 -11.76 5.94 -29.81
C GLY A 125 -12.82 6.12 -30.86
N ARG A 126 -12.43 6.02 -32.14
CA ARG A 126 -13.39 6.00 -33.21
C ARG A 126 -14.13 4.71 -33.23
N VAL A 127 -13.51 3.63 -32.75
CA VAL A 127 -14.16 2.33 -32.61
C VAL A 127 -13.92 1.85 -31.19
N ILE A 128 -14.98 1.71 -30.42
CA ILE A 128 -14.94 1.25 -29.06
C ILE A 128 -15.02 -0.29 -29.10
N GLY A 129 -14.25 -0.94 -28.25
CA GLY A 129 -14.15 -2.40 -28.18
C GLY A 129 -14.95 -2.98 -27.03
N ALA A 130 -15.52 -4.17 -27.24
CA ALA A 130 -16.15 -4.96 -26.20
C ALA A 130 -15.52 -6.34 -26.19
N PHE A 131 -15.66 -7.03 -25.06
CA PHE A 131 -15.00 -8.29 -24.77
C PHE A 131 -16.12 -9.20 -24.29
N CYS A 132 -16.34 -10.32 -24.97
CA CYS A 132 -17.52 -11.15 -24.69
C CYS A 132 -17.12 -12.56 -24.30
N LEU A 133 -16.96 -12.79 -23.01
CA LEU A 133 -16.54 -14.09 -22.50
C LEU A 133 -17.63 -14.68 -21.59
N THR A 134 -17.99 -13.96 -20.53
CA THR A 134 -19.04 -14.41 -19.62
C THR A 134 -20.36 -14.79 -20.32
N GLU A 135 -20.99 -15.85 -19.80
CA GLU A 135 -22.26 -16.38 -20.29
C GLU A 135 -23.19 -16.57 -19.11
N PRO A 136 -24.50 -16.72 -19.37
CA PRO A 136 -25.40 -16.79 -18.21
C PRO A 136 -24.98 -17.78 -17.10
N HIS A 137 -24.55 -18.96 -17.51
CA HIS A 137 -24.16 -20.01 -16.54
C HIS A 137 -22.67 -19.94 -16.11
N ALA A 138 -21.84 -19.10 -16.77
CA ALA A 138 -20.36 -19.15 -16.58
C ALA A 138 -19.66 -17.77 -16.40
N GLY A 139 -19.37 -17.37 -15.16
CA GLY A 139 -18.60 -16.14 -14.88
C GLY A 139 -17.19 -16.38 -14.36
N SER A 140 -17.08 -16.68 -13.08
CA SER A 140 -15.76 -16.93 -12.49
C SER A 140 -15.10 -18.15 -13.18
N GLU A 141 -15.86 -19.23 -13.40
CA GLU A 141 -15.42 -20.38 -14.21
C GLU A 141 -15.46 -20.09 -15.72
N ALA A 142 -14.62 -19.15 -16.13
CA ALA A 142 -14.68 -18.54 -17.45
C ALA A 142 -14.37 -19.52 -18.61
N ASN A 143 -13.83 -20.70 -18.29
CA ASN A 143 -13.49 -21.71 -19.33
C ASN A 143 -14.64 -22.66 -19.63
N ASN A 144 -15.68 -22.64 -18.83
CA ASN A 144 -16.84 -23.50 -19.06
C ASN A 144 -17.82 -22.88 -20.07
N LEU A 145 -17.40 -22.76 -21.33
CA LEU A 145 -18.18 -22.01 -22.33
C LEU A 145 -19.11 -22.88 -23.16
N ARG A 146 -20.25 -22.32 -23.55
CA ARG A 146 -21.28 -22.97 -24.41
C ARG A 146 -21.66 -22.23 -25.72
N THR A 147 -21.21 -20.99 -25.91
CA THR A 147 -21.34 -20.31 -27.19
C THR A 147 -20.40 -21.04 -28.14
N ARG A 148 -20.89 -21.38 -29.31
CA ARG A 148 -20.06 -22.09 -30.27
C ARG A 148 -19.82 -21.29 -31.55
N ALA A 149 -18.72 -21.66 -32.19
CA ALA A 149 -18.27 -21.13 -33.46
C ALA A 149 -17.86 -22.33 -34.30
N GLU A 150 -18.44 -22.44 -35.48
CA GLU A 150 -18.12 -23.54 -36.38
C GLU A 150 -17.86 -22.97 -37.77
N LEU A 151 -16.82 -23.49 -38.39
CA LEU A 151 -16.36 -23.00 -39.67
C LEU A 151 -17.22 -23.68 -40.74
N ARG A 152 -18.14 -22.91 -41.34
CA ARG A 152 -19.14 -23.39 -42.31
C ARG A 152 -19.12 -22.49 -43.53
N ASP A 153 -18.80 -23.04 -44.69
CA ASP A 153 -18.82 -22.29 -45.97
C ASP A 153 -17.80 -21.14 -46.01
N GLY A 154 -16.62 -21.32 -45.42
CA GLY A 154 -15.61 -20.27 -45.41
C GLY A 154 -15.91 -19.17 -44.42
N GLN A 155 -16.80 -19.46 -43.47
CA GLN A 155 -17.18 -18.47 -42.48
C GLN A 155 -17.21 -19.08 -41.09
N TRP A 156 -16.80 -18.28 -40.10
CA TRP A 156 -17.04 -18.64 -38.73
C TRP A 156 -18.48 -18.23 -38.43
N VAL A 157 -19.30 -19.19 -38.01
CA VAL A 157 -20.70 -18.95 -37.69
C VAL A 157 -20.89 -19.18 -36.18
N LEU A 158 -21.18 -18.09 -35.47
CA LEU A 158 -21.29 -18.13 -34.02
C LEU A 158 -22.75 -18.27 -33.56
N ASN A 159 -22.97 -19.16 -32.59
CA ASN A 159 -24.27 -19.28 -31.93
C ASN A 159 -24.16 -19.37 -30.41
N GLY A 160 -24.95 -18.55 -29.70
CA GLY A 160 -24.94 -18.55 -28.23
C GLY A 160 -25.35 -17.22 -27.61
N ALA A 161 -24.86 -16.99 -26.41
CA ALA A 161 -25.32 -15.88 -25.57
C ALA A 161 -24.20 -15.44 -24.64
N LYS A 162 -23.98 -14.14 -24.56
CA LYS A 162 -23.01 -13.53 -23.66
C LYS A 162 -23.76 -12.58 -22.72
N GLN A 163 -23.21 -12.46 -21.53
CA GLN A 163 -23.85 -11.74 -20.45
C GLN A 163 -22.94 -10.62 -20.00
N PHE A 164 -23.54 -9.48 -19.63
CA PHE A 164 -22.80 -8.41 -18.99
C PHE A 164 -21.73 -7.83 -19.90
N VAL A 165 -22.06 -7.56 -21.16
CA VAL A 165 -21.06 -6.98 -22.07
C VAL A 165 -21.00 -5.47 -21.87
N THR A 166 -19.91 -5.02 -21.24
CA THR A 166 -19.59 -3.61 -21.13
C THR A 166 -19.35 -3.04 -22.52
N ASN A 167 -19.82 -1.81 -22.77
CA ASN A 167 -19.75 -1.14 -24.06
C ASN A 167 -20.58 -1.85 -25.13
N GLY A 168 -21.60 -2.59 -24.72
CA GLY A 168 -22.32 -3.48 -25.64
C GLY A 168 -23.08 -2.76 -26.73
N GLN A 169 -23.69 -1.63 -26.41
CA GLN A 169 -24.39 -0.80 -27.39
C GLN A 169 -23.46 0.03 -28.24
N ARG A 170 -22.40 0.60 -27.67
CA ARG A 170 -21.58 1.57 -28.38
C ARG A 170 -20.41 0.94 -29.11
N ALA A 171 -20.07 -0.32 -28.78
CA ALA A 171 -18.91 -0.99 -29.39
C ALA A 171 -19.09 -1.16 -30.91
N GLY A 172 -18.00 -0.94 -31.66
CA GLY A 172 -17.92 -1.21 -33.11
C GLY A 172 -17.36 -2.61 -33.38
N VAL A 173 -16.58 -3.14 -32.44
CA VAL A 173 -16.02 -4.47 -32.58
C VAL A 173 -16.01 -5.19 -31.22
N ALA A 174 -16.29 -6.49 -31.27
CA ALA A 174 -16.33 -7.36 -30.11
C ALA A 174 -15.33 -8.47 -30.26
N ILE A 175 -14.57 -8.70 -29.21
CA ILE A 175 -13.66 -9.82 -29.13
C ILE A 175 -14.53 -10.89 -28.50
N VAL A 176 -14.81 -11.99 -29.20
CA VAL A 176 -15.80 -12.96 -28.74
C VAL A 176 -15.19 -14.34 -28.58
N PHE A 177 -15.46 -14.97 -27.45
CA PHE A 177 -14.88 -16.29 -27.10
C PHE A 177 -15.94 -17.36 -27.23
N ALA A 178 -15.65 -18.35 -28.08
CA ALA A 178 -16.60 -19.41 -28.39
C ALA A 178 -15.88 -20.75 -28.49
N MET A 179 -16.62 -21.83 -28.21
CA MET A 179 -16.08 -23.20 -28.25
C MET A 179 -16.03 -23.62 -29.71
N THR A 180 -14.84 -23.99 -30.16
CA THR A 180 -14.64 -24.45 -31.55
C THR A 180 -14.38 -25.96 -31.58
N ASP A 181 -13.77 -26.48 -30.53
CA ASP A 181 -13.38 -27.91 -30.50
C ASP A 181 -13.74 -28.46 -29.12
N PRO A 182 -15.02 -28.84 -28.93
CA PRO A 182 -15.56 -29.33 -27.65
C PRO A 182 -14.73 -30.41 -26.94
N GLU A 183 -14.17 -31.33 -27.71
CA GLU A 183 -13.50 -32.52 -27.17
C GLU A 183 -12.18 -32.15 -26.47
N ALA A 184 -11.68 -30.95 -26.75
CA ALA A 184 -10.41 -30.46 -26.21
C ALA A 184 -10.58 -29.62 -24.93
N GLY A 185 -11.81 -29.42 -24.47
CA GLY A 185 -12.07 -28.72 -23.21
C GLY A 185 -11.59 -27.27 -23.18
N LYS A 186 -10.73 -26.97 -22.20
CA LYS A 186 -10.14 -25.64 -22.02
C LYS A 186 -9.28 -25.22 -23.23
N ARG A 187 -8.70 -26.19 -23.95
CA ARG A 187 -7.88 -25.90 -25.12
C ARG A 187 -8.69 -25.93 -26.42
N GLY A 188 -10.02 -26.00 -26.31
CA GLY A 188 -10.94 -25.96 -27.46
C GLY A 188 -11.69 -24.65 -27.72
N ILE A 189 -11.34 -23.61 -26.96
CA ILE A 189 -11.93 -22.29 -27.10
C ILE A 189 -11.07 -21.45 -28.05
N SER A 190 -11.73 -20.63 -28.87
CA SER A 190 -11.08 -19.70 -29.79
C SER A 190 -11.64 -18.25 -29.63
N ALA A 191 -10.88 -17.26 -30.11
CA ALA A 191 -11.26 -15.85 -30.06
C ALA A 191 -11.59 -15.29 -31.46
N PHE A 192 -12.58 -14.41 -31.52
CA PHE A 192 -13.05 -13.86 -32.80
C PHE A 192 -13.28 -12.37 -32.74
N LEU A 193 -12.92 -11.70 -33.82
CA LEU A 193 -13.25 -10.30 -34.05
C LEU A 193 -14.59 -10.23 -34.78
N VAL A 194 -15.55 -9.56 -34.18
CA VAL A 194 -16.92 -9.52 -34.72
C VAL A 194 -17.39 -8.09 -34.78
N PRO A 195 -17.41 -7.51 -35.98
CA PRO A 195 -17.98 -6.19 -36.16
C PRO A 195 -19.38 -6.18 -35.55
N THR A 196 -19.69 -5.18 -34.77
CA THR A 196 -20.98 -5.22 -34.11
C THR A 196 -22.19 -4.96 -35.04
N ASP A 197 -21.97 -4.63 -36.31
CA ASP A 197 -23.10 -4.56 -37.28
C ASP A 197 -23.34 -5.84 -38.09
N THR A 198 -22.68 -6.93 -37.71
CA THR A 198 -22.83 -8.19 -38.39
C THR A 198 -24.22 -8.76 -38.12
N PRO A 199 -24.93 -9.17 -39.20
CA PRO A 199 -26.21 -9.79 -38.97
C PRO A 199 -26.03 -10.96 -38.02
N GLY A 200 -26.95 -11.13 -37.11
CA GLY A 200 -26.86 -12.19 -36.14
C GLY A 200 -26.30 -11.74 -34.80
N PHE A 201 -25.72 -10.54 -34.76
CA PHE A 201 -25.15 -9.94 -33.51
C PHE A 201 -26.25 -9.11 -32.88
N ILE A 202 -26.94 -9.70 -31.91
CA ILE A 202 -28.16 -9.12 -31.34
C ILE A 202 -27.94 -8.61 -29.91
N VAL A 203 -27.85 -7.28 -29.77
CA VAL A 203 -27.61 -6.60 -28.51
C VAL A 203 -28.94 -6.30 -27.80
N GLY A 204 -29.09 -6.81 -26.58
CA GLY A 204 -30.28 -6.54 -25.78
C GLY A 204 -30.17 -5.20 -25.08
N LYS A 205 -31.21 -4.86 -24.33
CA LYS A 205 -31.29 -3.62 -23.55
C LYS A 205 -30.22 -3.58 -22.49
N PRO A 206 -29.66 -2.39 -22.21
CA PRO A 206 -28.74 -2.35 -21.09
C PRO A 206 -29.40 -2.89 -19.81
N GLU A 207 -28.61 -3.54 -18.97
CA GLU A 207 -29.10 -4.03 -17.70
C GLU A 207 -29.33 -2.85 -16.79
N LYS A 208 -30.30 -2.98 -15.90
CA LYS A 208 -30.51 -1.99 -14.83
C LYS A 208 -29.64 -2.38 -13.61
N LYS A 209 -28.77 -1.47 -13.24
CA LYS A 209 -27.74 -1.73 -12.27
C LYS A 209 -27.83 -0.75 -11.12
N MET A 210 -27.32 -1.10 -9.93
CA MET A 210 -27.26 -0.15 -8.79
C MET A 210 -26.43 1.10 -9.06
N GLY A 211 -25.33 0.94 -9.78
CA GLY A 211 -24.41 2.05 -10.09
C GLY A 211 -23.69 1.81 -11.39
N ILE A 212 -22.65 2.61 -11.68
CA ILE A 212 -22.13 2.83 -13.05
C ILE A 212 -23.21 2.71 -14.08
N ARG A 213 -24.31 3.37 -13.79
CA ARG A 213 -25.51 3.15 -14.53
C ARG A 213 -25.35 3.61 -15.98
N ALA A 214 -24.48 4.59 -16.23
CA ALA A 214 -24.25 5.12 -17.58
C ALA A 214 -23.32 4.23 -18.40
N SER A 215 -22.71 3.23 -17.80
CA SER A 215 -21.91 2.30 -18.59
C SER A 215 -22.88 1.26 -19.11
N ASP A 216 -23.12 1.30 -20.39
CA ASP A 216 -23.96 0.31 -21.04
C ASP A 216 -23.46 -1.12 -20.82
N THR A 217 -24.30 -1.93 -20.20
CA THR A 217 -23.96 -3.32 -19.87
C THR A 217 -25.11 -4.21 -20.41
N CYS A 218 -24.86 -4.94 -21.51
CA CYS A 218 -25.92 -5.60 -22.29
C CYS A 218 -25.73 -7.11 -22.45
N PRO A 219 -26.82 -7.87 -22.45
CA PRO A 219 -26.75 -9.24 -22.92
C PRO A 219 -26.63 -9.19 -24.43
N ILE A 220 -25.85 -10.08 -25.02
CA ILE A 220 -25.73 -10.15 -26.48
C ILE A 220 -26.03 -11.57 -26.91
N THR A 221 -26.92 -11.72 -27.90
CA THR A 221 -27.23 -13.02 -28.47
C THR A 221 -26.63 -13.16 -29.88
N PHE A 222 -26.13 -14.35 -30.15
CA PHE A 222 -25.48 -14.69 -31.39
C PHE A 222 -26.35 -15.75 -32.04
N GLU A 223 -26.96 -15.40 -33.17
CA GLU A 223 -27.87 -16.29 -33.88
C GLU A 223 -27.33 -16.41 -35.28
N ASN A 224 -26.69 -17.54 -35.57
CA ASN A 224 -25.96 -17.73 -36.81
C ASN A 224 -25.21 -16.47 -37.19
N CYS A 225 -24.42 -15.95 -36.26
CA CYS A 225 -23.68 -14.73 -36.53
C CYS A 225 -22.48 -15.12 -37.37
N ALA A 226 -22.50 -14.73 -38.65
CA ALA A 226 -21.52 -15.17 -39.64
C ALA A 226 -20.48 -14.11 -39.93
N ILE A 227 -19.21 -14.44 -39.72
CA ILE A 227 -18.07 -13.50 -40.01
C ILE A 227 -17.05 -14.19 -40.91
N PRO A 228 -16.15 -13.41 -41.57
CA PRO A 228 -15.16 -14.10 -42.41
C PRO A 228 -14.20 -14.99 -41.63
N GLU A 229 -13.74 -16.03 -42.30
CA GLU A 229 -12.82 -17.01 -41.72
C GLU A 229 -11.58 -16.38 -41.07
N ASP A 230 -11.09 -15.28 -41.64
CA ASP A 230 -9.91 -14.57 -41.14
C ASP A 230 -10.15 -13.73 -39.87
N ASN A 231 -11.38 -13.70 -39.36
CA ASN A 231 -11.70 -13.01 -38.10
C ASN A 231 -11.42 -13.82 -36.82
N LEU A 232 -10.93 -15.04 -37.02
CA LEU A 232 -10.26 -15.78 -35.98
C LEU A 232 -9.11 -14.90 -35.45
N LEU A 233 -9.12 -14.67 -34.14
CA LEU A 233 -8.04 -13.98 -33.46
C LEU A 233 -7.11 -15.03 -32.83
N GLY A 234 -5.82 -15.03 -33.20
CA GLY A 234 -4.87 -16.01 -32.67
C GLY A 234 -5.04 -17.35 -33.39
N ASN A 235 -4.49 -18.40 -32.79
CA ASN A 235 -4.64 -19.74 -33.34
C ASN A 235 -5.89 -20.40 -32.79
N ARG A 236 -6.40 -21.38 -33.52
CA ARG A 236 -7.57 -22.11 -33.05
C ARG A 236 -7.20 -22.83 -31.79
N GLY A 237 -8.05 -22.78 -30.77
CA GLY A 237 -7.74 -23.39 -29.49
C GLY A 237 -7.02 -22.47 -28.50
N GLU A 238 -6.56 -21.31 -28.97
CA GLU A 238 -5.77 -20.37 -28.16
C GLU A 238 -6.67 -19.40 -27.37
N GLY A 239 -7.99 -19.59 -27.44
CA GLY A 239 -8.94 -18.60 -26.95
C GLY A 239 -8.78 -18.29 -25.47
N LEU A 240 -8.49 -19.31 -24.67
CA LEU A 240 -8.41 -19.13 -23.24
C LEU A 240 -7.16 -18.30 -22.87
N LYS A 241 -6.03 -18.63 -23.49
CA LYS A 241 -4.82 -17.85 -23.33
C LYS A 241 -5.09 -16.38 -23.64
N ILE A 242 -5.79 -16.15 -24.73
CA ILE A 242 -6.02 -14.79 -25.16
C ILE A 242 -6.93 -14.09 -24.15
N ALA A 243 -7.92 -14.80 -23.61
CA ALA A 243 -8.83 -14.21 -22.65
C ALA A 243 -8.11 -13.85 -21.34
N LEU A 244 -7.03 -14.58 -21.03
CA LEU A 244 -6.22 -14.33 -19.87
C LEU A 244 -5.00 -13.45 -20.14
N SER A 245 -4.80 -12.99 -21.36
CA SER A 245 -3.56 -12.35 -21.68
C SER A 245 -3.47 -10.89 -21.24
N ASN A 246 -4.59 -10.29 -20.81
CA ASN A 246 -4.54 -8.88 -20.37
C ASN A 246 -5.09 -8.69 -18.97
N LEU A 247 -5.03 -9.72 -18.13
CA LEU A 247 -5.52 -9.62 -16.77
C LEU A 247 -4.77 -8.55 -15.98
N GLU A 248 -3.48 -8.38 -16.24
CA GLU A 248 -2.68 -7.44 -15.43
C GLU A 248 -3.17 -6.01 -15.71
N GLY A 249 -3.32 -5.65 -16.99
CA GLY A 249 -3.80 -4.32 -17.35
C GLY A 249 -5.23 -4.09 -16.89
N GLY A 250 -6.07 -5.11 -17.04
CA GLY A 250 -7.45 -5.01 -16.62
C GLY A 250 -7.55 -4.72 -15.13
N ARG A 251 -6.80 -5.46 -14.33
CA ARG A 251 -6.86 -5.29 -12.89
C ARG A 251 -6.22 -3.98 -12.43
N ILE A 252 -5.10 -3.58 -13.03
CA ILE A 252 -4.50 -2.27 -12.74
C ILE A 252 -5.52 -1.18 -13.00
N GLY A 253 -6.27 -1.29 -14.10
CA GLY A 253 -7.28 -0.27 -14.45
C GLY A 253 -8.44 -0.21 -13.44
N ILE A 254 -9.00 -1.34 -13.09
CA ILE A 254 -10.14 -1.30 -12.18
C ILE A 254 -9.68 -0.93 -10.76
N ALA A 255 -8.46 -1.33 -10.41
CA ALA A 255 -7.90 -0.93 -9.15
C ALA A 255 -7.85 0.58 -9.10
N ALA A 256 -7.37 1.21 -10.19
CA ALA A 256 -7.30 2.66 -10.27
C ALA A 256 -8.69 3.31 -10.30
N GLN A 257 -9.64 2.63 -10.92
CA GLN A 257 -11.00 3.13 -10.90
C GLN A 257 -11.53 3.19 -9.46
N ALA A 258 -11.38 2.08 -8.72
CA ALA A 258 -11.76 2.05 -7.30
C ALA A 258 -11.11 3.16 -6.49
N LEU A 259 -9.84 3.36 -6.74
CA LEU A 259 -9.07 4.41 -6.12
C LEU A 259 -9.64 5.80 -6.39
N GLY A 260 -9.91 6.07 -7.64
CA GLY A 260 -10.48 7.36 -8.04
C GLY A 260 -11.85 7.63 -7.47
N ILE A 261 -12.70 6.62 -7.44
CA ILE A 261 -14.04 6.80 -6.87
C ILE A 261 -13.96 7.10 -5.36
N ALA A 262 -13.11 6.34 -4.67
CA ALA A 262 -12.93 6.54 -3.26
C ALA A 262 -12.42 7.95 -2.99
N ARG A 263 -11.45 8.35 -3.80
CA ARG A 263 -10.84 9.68 -3.66
C ARG A 263 -11.85 10.78 -3.88
N ALA A 264 -12.73 10.64 -4.87
CA ALA A 264 -13.73 11.68 -5.10
C ALA A 264 -14.62 11.81 -3.85
N ALA A 265 -15.00 10.67 -3.27
CA ALA A 265 -15.91 10.69 -2.11
C ALA A 265 -15.22 11.34 -0.88
N PHE A 266 -13.98 10.91 -0.64
CA PHE A 266 -13.07 11.54 0.35
C PHE A 266 -12.91 13.04 0.18
N ASP A 267 -12.71 13.50 -1.05
CA ASP A 267 -12.61 14.94 -1.26
C ASP A 267 -13.92 15.60 -0.90
N LYS A 268 -15.08 15.03 -1.25
CA LYS A 268 -16.36 15.68 -0.82
C LYS A 268 -16.48 15.70 0.70
N ALA A 269 -16.12 14.59 1.35
CA ALA A 269 -16.24 14.50 2.79
C ALA A 269 -15.32 15.49 3.57
N ARG A 270 -14.08 15.67 3.09
CA ARG A 270 -13.15 16.59 3.77
C ARG A 270 -13.70 18.00 3.67
N ARG A 271 -14.15 18.34 2.47
CA ARG A 271 -14.72 19.65 2.21
C ARG A 271 -15.95 19.85 3.11
N TYR A 272 -16.84 18.88 3.13
CA TYR A 272 -18.04 19.06 3.90
C TYR A 272 -17.67 19.21 5.35
N ALA A 273 -16.70 18.44 5.80
CA ALA A 273 -16.35 18.44 7.21
C ALA A 273 -15.76 19.78 7.68
N GLY A 274 -15.01 20.45 6.81
CA GLY A 274 -14.40 21.74 7.17
C GLY A 274 -15.42 22.87 7.19
N GLU A 275 -16.59 22.64 6.60
CA GLU A 275 -17.64 23.65 6.51
C GLU A 275 -18.83 23.42 7.38
N ARG A 276 -19.11 22.19 7.76
CA ARG A 276 -20.30 21.85 8.56
C ARG A 276 -19.96 21.94 10.05
N VAL A 277 -20.65 22.86 10.71
CA VAL A 277 -20.48 23.10 12.13
C VAL A 277 -21.50 22.28 12.89
N GLN A 278 -21.06 21.64 13.97
CA GLN A 278 -21.99 20.92 14.84
C GLN A 278 -21.38 20.73 16.23
N PHE A 279 -22.19 20.97 17.26
CA PHE A 279 -21.70 21.13 18.65
C PHE A 279 -20.55 22.17 18.72
N GLY A 280 -20.74 23.32 18.07
CA GLY A 280 -19.86 24.50 18.24
C GLY A 280 -18.53 24.52 17.50
N LYS A 281 -18.27 23.53 16.64
CA LYS A 281 -17.00 23.45 15.89
C LYS A 281 -17.24 22.82 14.50
N PRO A 282 -16.38 23.14 13.49
CA PRO A 282 -16.44 22.34 12.25
C PRO A 282 -16.26 20.88 12.63
N ILE A 283 -17.05 20.00 12.02
CA ILE A 283 -17.01 18.60 12.38
C ILE A 283 -15.67 17.93 12.09
N ALA A 284 -14.86 18.48 11.18
CA ALA A 284 -13.48 17.97 10.96
C ALA A 284 -12.65 17.93 12.24
N GLU A 285 -13.03 18.74 13.22
CA GLU A 285 -12.31 18.83 14.50
C GLU A 285 -12.77 17.79 15.56
N HIS A 286 -13.92 17.14 15.35
CA HIS A 286 -14.36 16.07 16.24
C HIS A 286 -13.49 14.85 15.95
N GLN A 287 -12.98 14.28 17.01
CA GLN A 287 -12.11 13.14 16.91
C GLN A 287 -12.66 12.02 16.00
N ALA A 288 -13.95 11.77 16.10
CA ALA A 288 -14.52 10.65 15.36
C ALA A 288 -14.41 10.94 13.84
N ILE A 289 -14.60 12.19 13.41
CA ILE A 289 -14.44 12.54 12.00
C ILE A 289 -12.96 12.52 11.57
N GLN A 290 -12.08 13.14 12.37
CA GLN A 290 -10.62 13.05 12.20
C GLN A 290 -10.16 11.65 11.98
N GLN A 291 -10.66 10.72 12.78
CA GLN A 291 -10.26 9.33 12.70
C GLN A 291 -10.69 8.75 11.34
N LYS A 292 -11.91 9.06 10.94
CA LYS A 292 -12.42 8.51 9.69
C LYS A 292 -11.59 9.07 8.54
N LEU A 293 -11.38 10.39 8.55
CA LEU A 293 -10.61 11.04 7.49
C LEU A 293 -9.20 10.49 7.40
N ALA A 294 -8.55 10.27 8.53
CA ALA A 294 -7.22 9.68 8.56
C ALA A 294 -7.18 8.33 7.93
N ASP A 295 -8.12 7.49 8.34
CA ASP A 295 -8.21 6.13 7.78
C ASP A 295 -8.49 6.15 6.28
N MET A 296 -9.33 7.07 5.83
CA MET A 296 -9.63 7.18 4.38
C MET A 296 -8.35 7.52 3.61
N ALA A 297 -7.58 8.51 4.10
CA ALA A 297 -6.36 8.89 3.43
C ALA A 297 -5.36 7.75 3.37
N VAL A 298 -5.21 7.01 4.47
CA VAL A 298 -4.27 5.91 4.54
C VAL A 298 -4.59 4.88 3.46
N GLN A 299 -5.86 4.47 3.45
CA GLN A 299 -6.31 3.42 2.50
C GLN A 299 -6.21 3.83 1.04
N ILE A 300 -6.55 5.07 0.78
CA ILE A 300 -6.40 5.64 -0.57
C ILE A 300 -4.92 5.66 -1.00
N ASN A 301 -4.06 6.17 -0.13
CA ASN A 301 -2.61 6.20 -0.45
C ASN A 301 -2.00 4.79 -0.58
N ALA A 302 -2.37 3.88 0.31
CA ALA A 302 -1.88 2.53 0.20
C ALA A 302 -2.35 1.91 -1.09
N ALA A 303 -3.62 2.09 -1.44
CA ALA A 303 -4.14 1.57 -2.71
C ALA A 303 -3.34 2.16 -3.88
N ARG A 304 -3.11 3.46 -3.88
CA ARG A 304 -2.39 4.06 -5.01
C ARG A 304 -1.04 3.40 -5.16
N LEU A 305 -0.33 3.25 -4.04
CA LEU A 305 1.02 2.67 -4.08
C LEU A 305 0.99 1.24 -4.61
N LEU A 306 0.01 0.43 -4.16
CA LEU A 306 -0.16 -0.92 -4.71
C LEU A 306 -0.35 -0.89 -6.24
N VAL A 307 -1.25 -0.03 -6.72
CA VAL A 307 -1.53 0.13 -8.15
C VAL A 307 -0.27 0.52 -8.95
N HIS A 308 0.47 1.52 -8.45
CA HIS A 308 1.65 2.02 -9.12
C HIS A 308 2.77 1.01 -9.10
N HIS A 309 2.83 0.22 -8.03
CA HIS A 309 3.81 -0.85 -7.97
C HIS A 309 3.57 -1.87 -9.07
N ALA A 310 2.33 -2.31 -9.17
CA ALA A 310 1.97 -3.24 -10.24
C ALA A 310 2.21 -2.63 -11.63
N ALA A 311 1.95 -1.33 -11.75
CA ALA A 311 2.14 -0.63 -13.01
C ALA A 311 3.61 -0.54 -13.46
N LYS A 312 4.51 -0.29 -12.51
CA LYS A 312 5.94 -0.21 -12.85
C LYS A 312 6.45 -1.58 -13.29
N LEU A 313 6.05 -2.62 -12.59
CA LEU A 313 6.40 -3.96 -12.99
C LEU A 313 5.94 -4.28 -14.39
N ARG A 314 4.70 -3.92 -14.72
CA ARG A 314 4.11 -4.21 -16.02
C ARG A 314 4.80 -3.41 -17.12
N THR A 315 5.12 -2.16 -16.81
CA THR A 315 5.89 -1.33 -17.74
C THR A 315 7.19 -2.05 -18.16
N ALA A 316 7.87 -2.66 -17.22
CA ALA A 316 9.16 -3.33 -17.52
C ALA A 316 9.00 -4.74 -18.05
N GLY A 317 7.78 -5.14 -18.37
CA GLY A 317 7.48 -6.50 -18.81
C GLY A 317 7.71 -7.56 -17.74
N LEU A 318 7.79 -7.19 -16.47
CA LEU A 318 8.00 -8.18 -15.40
C LEU A 318 6.69 -8.87 -14.92
N PRO A 319 6.78 -10.13 -14.46
CA PRO A 319 5.64 -10.85 -13.87
C PRO A 319 4.92 -10.01 -12.85
N CYS A 320 3.61 -9.85 -12.98
CA CYS A 320 2.87 -8.96 -12.09
C CYS A 320 1.38 -9.27 -11.88
N LEU A 321 1.01 -10.52 -12.14
CA LEU A 321 -0.36 -10.93 -11.94
C LEU A 321 -0.77 -10.81 -10.48
N SER A 322 0.06 -11.34 -9.59
CA SER A 322 -0.23 -11.27 -8.17
C SER A 322 -0.34 -9.81 -7.74
N GLU A 323 0.67 -9.01 -8.10
CA GLU A 323 0.75 -7.62 -7.66
C GLU A 323 -0.48 -6.83 -8.19
N ALA A 324 -0.91 -7.07 -9.43
CA ALA A 324 -2.07 -6.38 -9.97
C ALA A 324 -3.34 -6.84 -9.27
N SER A 325 -3.41 -8.12 -8.93
CA SER A 325 -4.58 -8.65 -8.24
C SER A 325 -4.66 -8.12 -6.79
N GLN A 326 -3.51 -7.95 -6.14
CA GLN A 326 -3.47 -7.32 -4.81
C GLN A 326 -4.02 -5.89 -4.86
N ALA A 327 -3.53 -5.11 -5.81
CA ALA A 327 -3.99 -3.74 -6.00
C ALA A 327 -5.51 -3.70 -6.16
N LYS A 328 -6.05 -4.57 -7.02
CA LYS A 328 -7.48 -4.60 -7.36
C LYS A 328 -8.33 -5.01 -6.15
N LEU A 329 -7.87 -6.04 -5.47
CA LEU A 329 -8.51 -6.52 -4.26
C LEU A 329 -8.53 -5.42 -3.18
N PHE A 330 -7.34 -4.89 -2.85
CA PHE A 330 -7.25 -3.87 -1.80
C PHE A 330 -8.01 -2.60 -2.21
N ALA A 331 -7.84 -2.14 -3.44
CA ALA A 331 -8.46 -0.86 -3.80
C ALA A 331 -9.97 -1.02 -3.79
N SER A 332 -10.48 -2.14 -4.29
CA SER A 332 -11.92 -2.30 -4.35
C SER A 332 -12.56 -2.44 -2.96
N GLU A 333 -11.98 -3.26 -2.09
CA GLU A 333 -12.57 -3.40 -0.75
C GLU A 333 -12.46 -2.11 0.07
N MET A 334 -11.36 -1.39 -0.06
CA MET A 334 -11.26 -0.13 0.70
C MET A 334 -12.19 0.93 0.17
N ALA A 335 -12.48 0.91 -1.12
CA ALA A 335 -13.30 1.96 -1.71
C ALA A 335 -14.73 1.91 -1.15
N GLU A 336 -15.26 0.71 -0.88
CA GLU A 336 -16.59 0.63 -0.25
C GLU A 336 -16.49 1.26 1.14
N ARG A 337 -15.41 0.96 1.91
CA ARG A 337 -15.29 1.52 3.26
C ARG A 337 -15.14 3.02 3.28
N VAL A 338 -14.30 3.54 2.39
CA VAL A 338 -14.08 4.99 2.28
C VAL A 338 -15.35 5.72 1.87
N CYS A 339 -16.06 5.13 0.91
CA CYS A 339 -17.29 5.71 0.46
C CYS A 339 -18.38 5.64 1.54
N SER A 340 -18.44 4.53 2.29
CA SER A 340 -19.39 4.46 3.42
C SER A 340 -19.08 5.53 4.47
N ASP A 341 -17.81 5.71 4.83
CA ASP A 341 -17.48 6.78 5.77
C ASP A 341 -17.78 8.18 5.25
N ALA A 342 -17.52 8.41 3.98
CA ALA A 342 -17.89 9.65 3.29
C ALA A 342 -19.36 9.98 3.46
N ILE A 343 -20.24 8.98 3.25
CA ILE A 343 -21.67 9.14 3.52
C ILE A 343 -21.91 9.54 4.98
N GLN A 344 -21.30 8.79 5.90
CA GLN A 344 -21.48 8.98 7.36
C GLN A 344 -21.06 10.39 7.83
N ILE A 345 -19.97 10.89 7.28
CA ILE A 345 -19.43 12.24 7.61
C ILE A 345 -20.44 13.33 7.25
N HIS A 346 -21.24 13.10 6.20
CA HIS A 346 -22.28 14.05 5.79
C HIS A 346 -23.56 13.93 6.63
N GLY A 347 -23.64 12.94 7.50
CA GLY A 347 -24.88 12.70 8.22
C GLY A 347 -26.03 12.42 7.26
N GLY A 348 -27.19 13.00 7.51
CA GLY A 348 -28.37 12.74 6.71
C GLY A 348 -28.21 13.20 5.25
N TYR A 349 -27.44 14.24 5.06
CA TYR A 349 -27.15 14.74 3.69
C TYR A 349 -26.38 13.71 2.86
N GLY A 350 -25.67 12.80 3.51
CA GLY A 350 -24.92 11.77 2.80
C GLY A 350 -25.77 10.80 2.00
N TYR A 351 -27.02 10.65 2.43
CA TYR A 351 -27.99 9.75 1.82
C TYR A 351 -28.80 10.40 0.70
N LEU A 352 -28.59 11.70 0.48
CA LEU A 352 -29.35 12.44 -0.55
C LEU A 352 -28.60 12.46 -1.87
N VAL A 353 -29.35 12.26 -2.95
CA VAL A 353 -28.77 12.24 -4.27
C VAL A 353 -27.97 13.53 -4.55
N ASP A 354 -28.49 14.67 -4.12
CA ASP A 354 -27.84 15.97 -4.31
C ASP A 354 -26.41 16.06 -3.76
N TYR A 355 -26.05 15.28 -2.74
CA TYR A 355 -24.69 15.37 -2.21
C TYR A 355 -23.69 14.40 -2.85
N GLU A 356 -24.17 13.54 -3.76
CA GLU A 356 -23.28 12.79 -4.67
C GLU A 356 -22.41 11.67 -4.04
N VAL A 357 -22.11 11.71 -2.73
CA VAL A 357 -21.35 10.59 -2.15
C VAL A 357 -22.15 9.31 -2.19
N GLU A 358 -23.47 9.37 -2.31
CA GLU A 358 -24.23 8.14 -2.40
C GLU A 358 -23.99 7.47 -3.76
N ARG A 359 -23.80 8.27 -4.81
CA ARG A 359 -23.48 7.73 -6.13
C ARG A 359 -22.09 7.06 -6.09
N HIS A 360 -21.11 7.72 -5.46
CA HIS A 360 -19.80 7.10 -5.29
C HIS A 360 -19.88 5.73 -4.63
N TYR A 361 -20.65 5.63 -3.54
CA TYR A 361 -20.86 4.39 -2.84
C TYR A 361 -21.49 3.34 -3.72
N ARG A 362 -22.52 3.72 -4.50
CA ARG A 362 -23.15 2.79 -5.44
C ARG A 362 -22.22 2.31 -6.54
N ASP A 363 -21.39 3.22 -7.09
CA ASP A 363 -20.45 2.95 -8.20
C ASP A 363 -19.27 2.10 -7.74
N ALA A 364 -18.75 2.42 -6.56
CA ALA A 364 -17.64 1.70 -5.99
C ALA A 364 -17.88 0.22 -5.83
N ARG A 365 -19.09 -0.14 -5.46
CA ARG A 365 -19.40 -1.51 -5.08
C ARG A 365 -19.14 -2.55 -6.18
N ILE A 366 -19.24 -2.14 -7.46
CA ILE A 366 -19.02 -3.04 -8.59
C ILE A 366 -17.57 -3.46 -8.68
N THR A 367 -16.64 -2.67 -8.12
CA THR A 367 -15.22 -2.99 -8.31
C THR A 367 -14.74 -4.26 -7.59
N GLN A 368 -15.50 -4.75 -6.61
CA GLN A 368 -15.20 -6.03 -5.96
C GLN A 368 -15.70 -7.23 -6.74
N ILE A 369 -16.43 -6.99 -7.83
CA ILE A 369 -17.11 -8.06 -8.53
C ILE A 369 -16.53 -8.31 -9.91
N TYR A 370 -16.50 -7.30 -10.75
CA TYR A 370 -15.96 -7.53 -12.07
C TYR A 370 -14.44 -7.52 -12.08
N GLU A 371 -13.88 -7.98 -13.20
CA GLU A 371 -12.47 -8.06 -13.45
C GLU A 371 -11.88 -9.08 -12.43
N GLY A 372 -12.70 -10.08 -12.12
CA GLY A 372 -12.39 -11.16 -11.24
C GLY A 372 -12.89 -10.79 -9.85
N THR A 373 -13.80 -11.59 -9.31
CA THR A 373 -14.33 -11.31 -7.96
C THR A 373 -13.19 -11.30 -6.91
N SER A 374 -13.48 -10.76 -5.73
CA SER A 374 -12.48 -10.74 -4.67
C SER A 374 -12.01 -12.17 -4.33
N GLU A 375 -12.93 -13.12 -4.44
CA GLU A 375 -12.59 -14.50 -4.13
C GLU A 375 -11.51 -15.04 -5.11
N VAL A 376 -11.69 -14.76 -6.39
CA VAL A 376 -10.75 -15.08 -7.44
C VAL A 376 -9.43 -14.35 -7.23
N GLN A 377 -9.44 -13.06 -6.87
CA GLN A 377 -8.18 -12.35 -6.58
C GLN A 377 -7.41 -13.08 -5.48
N ARG A 378 -8.12 -13.50 -4.43
CA ARG A 378 -7.44 -14.19 -3.30
C ARG A 378 -6.79 -15.51 -3.76
N MET A 379 -7.52 -16.32 -4.50
CA MET A 379 -7.00 -17.56 -5.08
C MET A 379 -5.71 -17.30 -5.82
N VAL A 380 -5.73 -16.31 -6.71
CA VAL A 380 -4.55 -15.96 -7.52
C VAL A 380 -3.34 -15.50 -6.68
N ILE A 381 -3.58 -14.65 -5.70
CA ILE A 381 -2.48 -14.18 -4.88
C ILE A 381 -1.91 -15.35 -4.06
N ALA A 382 -2.78 -16.18 -3.50
CA ALA A 382 -2.34 -17.31 -2.63
C ALA A 382 -1.59 -18.38 -3.41
N ARG A 383 -2.11 -18.75 -4.57
CA ARG A 383 -1.50 -19.77 -5.43
C ARG A 383 -0.09 -19.38 -5.84
N GLN A 384 0.23 -18.09 -5.86
CA GLN A 384 1.60 -17.69 -6.19
C GLN A 384 2.51 -17.38 -5.02
N LEU A 385 2.18 -17.87 -3.81
CA LEU A 385 3.05 -17.76 -2.60
C LEU A 385 3.85 -19.03 -2.37
N HIS B 8 11.03 -10.19 -5.36
CA HIS B 8 9.69 -9.69 -5.85
C HIS B 8 9.73 -8.18 -6.19
N MET B 9 9.95 -7.35 -5.18
CA MET B 9 10.17 -5.92 -5.41
C MET B 9 11.61 -5.55 -5.84
N ASP B 10 12.48 -6.55 -5.98
CA ASP B 10 13.94 -6.33 -6.06
C ASP B 10 14.37 -5.48 -7.26
N GLU B 11 13.60 -5.57 -8.34
CA GLU B 11 13.87 -4.81 -9.55
C GLU B 11 13.77 -3.31 -9.27
N LEU B 12 13.02 -2.94 -8.24
CA LEU B 12 12.85 -1.54 -7.89
C LEU B 12 13.91 -0.98 -6.92
N TYR B 13 14.80 -1.82 -6.40
CA TYR B 13 15.85 -1.34 -5.50
C TYR B 13 17.18 -1.15 -6.25
N THR B 14 17.97 -0.19 -5.80
CA THR B 14 19.33 -0.03 -6.33
C THR B 14 20.20 -1.20 -5.84
N GLU B 15 21.40 -1.33 -6.39
CA GLU B 15 22.28 -2.44 -6.06
C GLU B 15 22.69 -2.36 -4.60
N ASP B 16 23.04 -1.17 -4.13
CA ASP B 16 23.46 -0.97 -2.74
C ASP B 16 22.33 -1.36 -1.79
N GLN B 17 21.12 -0.88 -2.08
CA GLN B 17 19.93 -1.23 -1.32
C GLN B 17 19.78 -2.74 -1.25
N ARG B 18 19.90 -3.40 -2.40
CA ARG B 18 19.72 -4.83 -2.43
C ARG B 18 20.82 -5.52 -1.62
N MET B 19 22.06 -5.05 -1.74
CA MET B 19 23.20 -5.64 -1.04
C MET B 19 23.07 -5.43 0.47
N ILE B 20 22.66 -4.24 0.87
CA ILE B 20 22.41 -3.93 2.29
C ILE B 20 21.29 -4.81 2.85
N ARG B 21 20.22 -4.97 2.07
CA ARG B 21 19.10 -5.86 2.44
C ARG B 21 19.62 -7.29 2.61
N ASP B 22 20.42 -7.76 1.66
CA ASP B 22 20.98 -9.12 1.73
C ASP B 22 21.90 -9.33 2.94
N ALA B 23 22.71 -8.32 3.25
CA ALA B 23 23.59 -8.40 4.42
C ALA B 23 22.76 -8.53 5.67
N ALA B 24 21.80 -7.61 5.83
CA ALA B 24 21.00 -7.59 7.02
C ALA B 24 20.23 -8.90 7.15
N ARG B 25 19.72 -9.42 6.03
CA ARG B 25 19.00 -10.69 6.05
C ARG B 25 19.92 -11.83 6.47
N ALA B 26 21.12 -11.90 5.89
CA ALA B 26 22.06 -13.00 6.24
C ALA B 26 22.35 -12.94 7.73
N PHE B 27 22.62 -11.74 8.24
CA PHE B 27 22.83 -11.62 9.66
C PHE B 27 21.62 -12.11 10.49
N ALA B 28 20.41 -11.70 10.13
CA ALA B 28 19.20 -12.09 10.85
C ALA B 28 18.98 -13.61 10.86
N THR B 29 19.17 -14.22 9.70
CA THR B 29 19.00 -15.66 9.56
C THR B 29 20.02 -16.47 10.37
N GLU B 30 21.25 -16.00 10.41
CA GLU B 30 22.29 -16.77 11.07
C GLU B 30 22.37 -16.47 12.56
N MET B 31 22.36 -15.19 12.94
CA MET B 31 22.55 -14.81 14.35
C MET B 31 21.29 -14.49 15.19
N LEU B 32 20.17 -14.11 14.56
CA LEU B 32 18.99 -13.64 15.32
C LEU B 32 17.88 -14.69 15.43
N ALA B 33 17.41 -15.18 14.28
CA ALA B 33 16.27 -16.12 14.28
C ALA B 33 16.55 -17.37 15.11
N PRO B 34 17.76 -17.97 15.02
CA PRO B 34 17.95 -19.19 15.83
C PRO B 34 17.81 -18.95 17.32
N ASN B 35 18.05 -17.71 17.77
CA ASN B 35 18.22 -17.39 19.19
C ASN B 35 17.11 -16.55 19.79
N ALA B 36 16.19 -16.05 18.95
CA ALA B 36 15.21 -15.08 19.43
C ALA B 36 14.33 -15.68 20.51
N ALA B 37 14.00 -16.97 20.37
CA ALA B 37 13.17 -17.65 21.40
C ALA B 37 13.85 -17.58 22.77
N GLN B 38 15.16 -17.85 22.77
CA GLN B 38 15.96 -17.91 24.00
C GLN B 38 16.04 -16.54 24.67
N TRP B 39 16.29 -15.52 23.87
CA TRP B 39 16.35 -14.16 24.38
C TRP B 39 14.96 -13.78 24.93
N ASP B 40 13.92 -14.20 24.22
CA ASP B 40 12.58 -13.89 24.72
C ASP B 40 12.41 -14.54 26.09
N HIS B 41 12.75 -15.83 26.20
CA HIS B 41 12.69 -16.54 27.50
C HIS B 41 13.53 -15.84 28.61
N ASP B 42 14.77 -15.47 28.27
CA ASP B 42 15.71 -14.83 29.24
C ASP B 42 15.35 -13.38 29.54
N ALA B 43 14.62 -12.77 28.65
CA ALA B 43 14.40 -11.33 28.73
C ALA B 43 15.73 -10.61 28.73
N HIS B 44 16.66 -11.07 27.90
CA HIS B 44 17.93 -10.41 27.78
C HIS B 44 18.51 -10.54 26.37
N LEU B 45 19.12 -9.46 25.91
CA LEU B 45 19.82 -9.42 24.66
C LEU B 45 21.32 -9.43 24.98
N PRO B 46 22.08 -10.41 24.44
CA PRO B 46 23.49 -10.37 24.76
C PRO B 46 24.17 -9.15 24.14
N ASP B 47 25.08 -8.56 24.91
CA ASP B 47 25.88 -7.44 24.45
C ASP B 47 26.68 -7.77 23.19
N ALA B 48 27.10 -9.03 23.05
CA ALA B 48 27.79 -9.48 21.84
C ALA B 48 26.97 -9.25 20.57
N ILE B 49 25.66 -9.47 20.67
CA ILE B 49 24.76 -9.32 19.51
C ILE B 49 24.65 -7.85 19.13
N VAL B 50 24.40 -6.98 20.12
CA VAL B 50 24.39 -5.53 19.90
C VAL B 50 25.70 -5.11 19.22
N ALA B 51 26.81 -5.65 19.71
CA ALA B 51 28.14 -5.34 19.15
C ALA B 51 28.27 -5.76 17.69
N GLN B 52 27.79 -6.97 17.38
CA GLN B 52 27.73 -7.46 15.99
C GLN B 52 26.85 -6.58 15.07
N LEU B 53 25.71 -6.14 15.58
CA LEU B 53 24.85 -5.21 14.83
C LEU B 53 25.64 -3.94 14.56
N GLY B 54 26.38 -3.49 15.58
CA GLY B 54 27.30 -2.38 15.45
C GLY B 54 28.40 -2.61 14.43
N GLU B 55 29.06 -3.76 14.48
CA GLU B 55 30.17 -4.01 13.55
C GLU B 55 29.67 -4.03 12.09
N LEU B 56 28.44 -4.51 11.88
CA LEU B 56 27.81 -4.49 10.55
C LEU B 56 27.40 -3.10 10.04
N GLY B 57 27.38 -2.07 10.88
CA GLY B 57 26.96 -0.73 10.45
C GLY B 57 25.45 -0.46 10.60
N LEU B 58 24.74 -1.44 11.16
CA LEU B 58 23.31 -1.34 11.31
C LEU B 58 22.89 -0.35 12.38
N LEU B 59 23.86 0.17 13.12
CA LEU B 59 23.59 1.13 14.15
C LEU B 59 24.12 2.50 13.78
N GLY B 60 24.57 2.68 12.54
CA GLY B 60 25.03 3.98 12.06
C GLY B 60 24.26 4.54 10.88
N MET B 61 23.09 3.94 10.61
CA MET B 61 22.43 4.08 9.28
C MET B 61 21.80 5.43 8.98
N ILE B 62 21.82 6.33 9.96
CA ILE B 62 21.29 7.70 9.86
C ILE B 62 22.41 8.74 9.91
N VAL B 63 23.64 8.28 10.09
CA VAL B 63 24.77 9.19 10.26
C VAL B 63 25.59 9.20 8.96
N PRO B 64 25.90 10.42 8.43
CA PRO B 64 26.79 10.53 7.27
C PRO B 64 28.05 9.71 7.45
N GLN B 65 28.48 9.06 6.38
CA GLN B 65 29.68 8.24 6.39
C GLN B 65 30.92 9.07 6.67
N GLU B 66 30.90 10.32 6.22
CA GLU B 66 32.00 11.28 6.42
C GLU B 66 32.23 11.50 7.93
N LEU B 67 31.19 11.29 8.73
CA LEU B 67 31.22 11.50 10.17
C LEU B 67 31.27 10.17 10.92
N GLY B 68 31.57 9.07 10.21
CA GLY B 68 31.78 7.76 10.84
C GLY B 68 30.59 6.82 10.83
N GLY B 69 29.53 7.21 10.13
CA GLY B 69 28.29 6.43 10.08
C GLY B 69 28.16 5.60 8.80
N SER B 70 26.94 5.12 8.51
CA SER B 70 26.72 4.22 7.37
C SER B 70 25.53 4.64 6.49
N TYR B 71 25.09 5.89 6.60
CA TYR B 71 23.92 6.37 5.87
C TYR B 71 24.16 6.26 4.37
N THR B 72 23.17 5.71 3.66
CA THR B 72 23.13 5.80 2.20
C THR B 72 21.84 6.53 1.82
N ASP B 73 20.71 5.89 2.17
CA ASP B 73 19.39 6.52 2.05
C ASP B 73 18.44 5.87 3.06
N TYR B 74 17.23 6.40 3.20
CA TYR B 74 16.32 5.86 4.20
C TYR B 74 15.66 4.56 3.74
N VAL B 75 15.68 4.30 2.44
CA VAL B 75 15.11 3.03 1.96
C VAL B 75 15.98 1.84 2.44
N ALA B 76 17.28 1.99 2.31
CA ALA B 76 18.21 1.01 2.87
C ALA B 76 17.96 0.75 4.37
N TYR B 77 17.64 1.82 5.11
CA TYR B 77 17.32 1.72 6.53
C TYR B 77 16.05 0.92 6.80
N ALA B 78 14.98 1.26 6.08
CA ALA B 78 13.71 0.55 6.16
C ALA B 78 13.95 -0.91 5.80
N LEU B 79 14.74 -1.17 4.77
CA LEU B 79 15.04 -2.56 4.37
C LEU B 79 15.79 -3.31 5.48
N ALA B 80 16.86 -2.69 6.00
CA ALA B 80 17.68 -3.33 7.03
C ALA B 80 16.81 -3.57 8.24
N MET B 81 16.01 -2.57 8.58
CA MET B 81 15.14 -2.66 9.77
C MET B 81 14.14 -3.80 9.66
N GLU B 82 13.57 -3.97 8.46
CA GLU B 82 12.61 -5.01 8.22
C GLU B 82 13.32 -6.34 8.43
N GLU B 83 14.49 -6.52 7.79
CA GLU B 83 15.23 -7.77 7.94
C GLU B 83 15.60 -8.02 9.38
N VAL B 84 16.03 -7.01 10.10
CA VAL B 84 16.42 -7.24 11.50
C VAL B 84 15.23 -7.71 12.32
N ALA B 85 14.07 -7.07 12.11
CA ALA B 85 12.90 -7.36 12.91
C ALA B 85 12.32 -8.75 12.60
N ALA B 86 12.51 -9.21 11.36
CA ALA B 86 12.03 -10.52 10.99
C ALA B 86 12.88 -11.61 11.64
N GLY B 87 14.14 -11.30 11.97
CA GLY B 87 14.95 -12.18 12.81
C GLY B 87 14.71 -12.07 14.32
N ASP B 88 14.68 -10.86 14.88
CA ASP B 88 14.33 -10.67 16.28
C ASP B 88 13.81 -9.27 16.52
N ALA B 89 12.65 -9.16 17.16
CA ALA B 89 11.94 -7.90 17.30
C ALA B 89 12.63 -6.95 18.30
N ALA B 90 13.16 -7.51 19.40
CA ALA B 90 13.86 -6.70 20.41
C ALA B 90 15.08 -5.97 19.82
N CYS B 91 15.84 -6.68 18.99
CA CYS B 91 16.98 -6.06 18.31
C CYS B 91 16.53 -4.87 17.50
N ALA B 92 15.37 -5.03 16.85
CA ALA B 92 14.85 -3.96 16.02
C ALA B 92 14.45 -2.76 16.86
N THR B 93 13.85 -3.02 18.02
CA THR B 93 13.50 -1.92 18.96
C THR B 93 14.75 -1.11 19.32
N MET B 94 15.79 -1.82 19.79
CA MET B 94 17.08 -1.20 20.12
C MET B 94 17.65 -0.41 18.94
N MET B 95 17.65 -1.04 17.78
CA MET B 95 18.23 -0.45 16.57
C MET B 95 17.49 0.82 16.15
N SER B 96 16.17 0.76 16.12
CA SER B 96 15.33 1.93 15.74
C SER B 96 15.54 3.10 16.68
N VAL B 97 15.53 2.81 17.99
CA VAL B 97 15.68 3.84 19.00
C VAL B 97 17.09 4.44 18.93
N HIS B 98 18.10 3.58 18.98
CA HIS B 98 19.48 4.08 18.94
C HIS B 98 19.76 4.94 17.70
N ASN B 99 19.27 4.52 16.53
CA ASN B 99 19.56 5.20 15.27
C ASN B 99 18.86 6.56 15.30
N SER B 100 17.53 6.56 15.52
CA SER B 100 16.68 7.73 15.30
C SER B 100 16.78 8.80 16.38
N VAL B 101 16.62 8.41 17.63
CA VAL B 101 16.62 9.37 18.75
C VAL B 101 17.86 9.26 19.67
N GLY B 102 18.77 8.35 19.35
CA GLY B 102 20.09 8.31 19.97
C GLY B 102 21.06 9.17 19.17
N CYS B 103 21.34 8.75 17.93
CA CYS B 103 22.28 9.43 17.05
C CYS B 103 21.65 10.72 16.49
N GLY B 104 20.34 10.72 16.33
CA GLY B 104 19.67 11.77 15.56
C GLY B 104 19.83 13.13 16.21
N PRO B 105 19.51 13.22 17.50
CA PRO B 105 19.63 14.50 18.20
C PRO B 105 21.04 15.11 18.26
N ILE B 106 22.06 14.24 18.37
CA ILE B 106 23.47 14.67 18.42
C ILE B 106 23.96 15.09 17.03
N LEU B 107 23.56 14.34 16.01
CA LEU B 107 23.78 14.72 14.64
C LEU B 107 23.08 16.05 14.34
N GLY B 108 21.82 16.17 14.75
CA GLY B 108 21.05 17.35 14.44
C GLY B 108 21.39 18.63 15.21
N PHE B 109 21.87 18.50 16.44
CA PHE B 109 21.99 19.68 17.31
C PHE B 109 23.29 19.85 18.07
N GLY B 110 24.14 18.83 18.06
CA GLY B 110 25.36 18.84 18.81
C GLY B 110 26.32 19.88 18.31
N THR B 111 27.10 20.44 19.23
CA THR B 111 28.25 21.24 18.84
C THR B 111 29.30 20.31 18.24
N PRO B 112 30.30 20.88 17.56
CA PRO B 112 31.37 20.06 17.03
C PRO B 112 32.08 19.20 18.12
N ALA B 113 32.27 19.78 19.30
CA ALA B 113 32.84 19.06 20.45
C ALA B 113 31.96 17.86 20.83
N GLN B 114 30.65 18.07 20.83
CA GLN B 114 29.68 17.02 21.17
C GLN B 114 29.65 15.88 20.15
N LYS B 115 29.61 16.24 18.86
CA LYS B 115 29.69 15.28 17.77
C LYS B 115 30.98 14.46 17.82
N ASP B 116 32.07 15.15 18.10
CA ASP B 116 33.38 14.55 18.25
C ASP B 116 33.38 13.49 19.35
N ARG B 117 32.84 13.81 20.52
CA ARG B 117 32.86 12.86 21.66
C ARG B 117 31.94 11.65 21.43
N TRP B 118 30.83 11.84 20.75
CA TRP B 118 29.83 10.80 20.74
C TRP B 118 29.60 10.14 19.38
N LEU B 119 29.53 10.94 18.31
CA LEU B 119 28.84 10.51 17.09
C LEU B 119 29.38 9.20 16.54
N ALA B 120 30.68 9.18 16.26
CA ALA B 120 31.35 8.07 15.61
C ALA B 120 31.26 6.76 16.42
N ASP B 121 31.35 6.89 17.74
CA ASP B 121 31.20 5.75 18.63
C ASP B 121 29.78 5.21 18.58
N MET B 122 28.80 6.10 18.69
CA MET B 122 27.41 5.69 18.64
C MET B 122 27.08 5.02 17.29
N ALA B 123 27.56 5.60 16.19
CA ALA B 123 27.33 5.11 14.83
C ALA B 123 27.86 3.72 14.61
N ALA B 124 28.88 3.35 15.36
CA ALA B 124 29.52 2.06 15.23
C ALA B 124 28.88 1.08 16.22
N GLY B 125 27.97 1.57 17.06
CA GLY B 125 27.36 0.79 18.13
C GLY B 125 28.21 0.54 19.37
N ARG B 126 29.30 1.29 19.51
N ARG B 126 29.31 1.29 19.51
CA ARG B 126 30.18 1.17 20.67
CA ARG B 126 30.17 1.16 20.67
C ARG B 126 29.58 1.89 21.88
C ARG B 126 29.52 1.84 21.87
N VAL B 127 28.79 2.93 21.63
CA VAL B 127 28.03 3.61 22.66
C VAL B 127 26.57 3.61 22.19
N ILE B 128 25.71 2.98 22.97
CA ILE B 128 24.31 2.96 22.67
C ILE B 128 23.64 4.16 23.34
N GLY B 129 22.67 4.74 22.62
CA GLY B 129 21.99 5.96 23.00
C GLY B 129 20.61 5.61 23.54
N ALA B 130 20.19 6.34 24.56
CA ALA B 130 18.79 6.29 25.01
C ALA B 130 18.24 7.69 24.96
N PHE B 131 16.92 7.78 24.97
CA PHE B 131 16.20 9.03 24.81
C PHE B 131 15.22 9.09 25.96
N CYS B 132 15.29 10.17 26.73
CA CYS B 132 14.52 10.27 27.97
C CYS B 132 13.57 11.49 27.96
N LEU B 133 12.36 11.26 27.46
CA LEU B 133 11.29 12.29 27.41
C LEU B 133 10.11 11.93 28.35
N THR B 134 9.44 10.81 28.05
CA THR B 134 8.30 10.33 28.84
C THR B 134 8.56 10.31 30.36
N GLU B 135 7.56 10.72 31.14
CA GLU B 135 7.60 10.65 32.60
C GLU B 135 6.35 9.93 33.12
N PRO B 136 6.38 9.49 34.40
CA PRO B 136 5.20 8.81 34.96
C PRO B 136 3.96 9.71 35.18
N HIS B 137 3.24 10.05 34.11
CA HIS B 137 1.91 10.73 34.18
C HIS B 137 1.37 11.16 32.81
N LEU B 145 6.48 18.25 30.89
CA LEU B 145 7.60 17.74 31.69
C LEU B 145 7.52 18.28 33.10
N ARG B 146 7.96 17.46 34.06
CA ARG B 146 8.17 17.85 35.46
C ARG B 146 9.60 17.59 35.97
N THR B 147 10.48 16.97 35.15
CA THR B 147 11.91 16.83 35.50
C THR B 147 12.56 18.20 35.37
N ARG B 148 13.49 18.55 36.26
CA ARG B 148 14.03 19.91 36.40
C ARG B 148 15.53 19.94 36.16
N ALA B 149 16.03 21.06 35.62
CA ALA B 149 17.45 21.25 35.39
C ALA B 149 17.90 22.62 35.92
N GLU B 150 18.31 22.66 37.18
CA GLU B 150 18.81 23.90 37.79
C GLU B 150 20.30 24.10 37.45
N LEU B 151 20.65 25.31 37.00
CA LEU B 151 22.05 25.66 36.74
C LEU B 151 22.76 26.15 38.03
N ARG B 152 22.89 25.25 39.01
CA ARG B 152 23.70 25.46 40.20
C ARG B 152 25.13 24.98 39.91
N ASP B 153 25.89 25.77 39.13
CA ASP B 153 27.28 25.45 38.75
C ASP B 153 28.10 25.05 39.95
N TRP B 156 24.75 21.61 35.11
CA TRP B 156 23.31 21.54 35.28
C TRP B 156 22.99 20.42 36.27
N VAL B 157 22.02 20.65 37.15
CA VAL B 157 21.68 19.70 38.20
C VAL B 157 20.27 19.20 37.95
N LEU B 158 20.16 17.94 37.54
CA LEU B 158 18.89 17.39 37.12
C LEU B 158 18.17 16.59 38.22
N ASN B 159 16.84 16.73 38.26
CA ASN B 159 16.00 16.04 39.24
C ASN B 159 14.65 15.62 38.67
N GLY B 160 14.32 14.34 38.82
CA GLY B 160 13.06 13.82 38.29
C GLY B 160 13.11 12.37 37.91
N ALA B 161 12.06 11.93 37.22
CA ALA B 161 11.87 10.52 36.92
C ALA B 161 11.42 10.39 35.47
N LYS B 162 12.04 9.45 34.75
CA LYS B 162 11.71 9.17 33.37
C LYS B 162 11.29 7.70 33.29
N GLN B 163 10.26 7.44 32.50
CA GLN B 163 9.60 6.17 32.44
C GLN B 163 9.92 5.49 31.12
N PHE B 164 9.84 4.15 31.10
CA PHE B 164 9.93 3.36 29.88
C PHE B 164 11.16 3.70 28.99
N VAL B 165 12.36 3.76 29.56
CA VAL B 165 13.55 4.12 28.74
C VAL B 165 14.16 2.91 28.03
N THR B 166 13.96 2.82 26.71
CA THR B 166 14.53 1.75 25.88
C THR B 166 16.05 1.91 25.89
N ASN B 167 16.75 0.77 25.95
CA ASN B 167 18.19 0.72 26.03
C ASN B 167 18.72 1.25 27.37
N GLY B 168 17.86 1.27 28.39
CA GLY B 168 18.10 2.02 29.60
C GLY B 168 19.31 1.52 30.34
N GLN B 169 19.51 0.21 30.29
CA GLN B 169 20.58 -0.51 30.99
C GLN B 169 21.86 -0.46 30.18
N ARG B 170 21.78 -0.61 28.86
CA ARG B 170 22.99 -0.72 28.04
C ARG B 170 23.50 0.61 27.48
N ALA B 171 22.65 1.63 27.43
CA ALA B 171 23.05 2.94 26.87
C ALA B 171 24.32 3.46 27.56
N GLY B 172 25.26 3.97 26.75
CA GLY B 172 26.41 4.75 27.24
C GLY B 172 26.07 6.23 27.41
N VAL B 173 25.12 6.75 26.63
CA VAL B 173 24.73 8.15 26.70
C VAL B 173 23.21 8.27 26.64
N ALA B 174 22.65 9.26 27.35
CA ALA B 174 21.20 9.50 27.33
C ALA B 174 20.91 10.96 27.00
N ILE B 175 19.89 11.13 26.17
CA ILE B 175 19.42 12.43 25.74
C ILE B 175 18.23 12.75 26.62
N VAL B 176 18.41 13.72 27.52
CA VAL B 176 17.45 13.96 28.58
C VAL B 176 16.81 15.34 28.44
N PHE B 177 15.49 15.36 28.49
CA PHE B 177 14.72 16.60 28.36
C PHE B 177 14.24 17.05 29.74
N ALA B 178 14.64 18.25 30.15
CA ALA B 178 14.26 18.79 31.47
C ALA B 178 13.69 20.19 31.32
N MET B 179 12.87 20.59 32.30
CA MET B 179 12.30 21.94 32.33
C MET B 179 13.38 22.87 32.85
N THR B 180 13.78 23.83 32.03
CA THR B 180 14.80 24.80 32.41
C THR B 180 14.17 26.16 32.79
N ASP B 181 12.95 26.41 32.31
CA ASP B 181 12.29 27.70 32.51
C ASP B 181 10.79 27.48 32.54
N PRO B 182 10.25 27.10 33.71
CA PRO B 182 8.89 26.53 33.78
C PRO B 182 7.77 27.43 33.24
N GLU B 183 7.78 28.71 33.59
CA GLU B 183 6.72 29.61 33.15
C GLU B 183 7.34 30.86 32.55
N ALA B 184 7.32 31.02 31.22
CA ALA B 184 6.67 30.10 30.26
C ALA B 184 7.69 29.36 29.37
N GLY B 185 7.30 28.26 28.73
CA GLY B 185 6.04 27.56 28.97
C GLY B 185 6.22 26.12 28.50
N LYS B 186 5.85 25.88 27.24
CA LYS B 186 6.32 24.71 26.51
C LYS B 186 7.57 25.09 25.69
N ARG B 187 7.95 26.37 25.73
CA ARG B 187 9.21 26.83 25.15
C ARG B 187 10.28 26.89 26.24
N GLY B 188 10.04 26.16 27.33
CA GLY B 188 10.92 26.19 28.52
C GLY B 188 11.56 24.86 28.86
N ILE B 189 11.53 23.90 27.93
CA ILE B 189 12.28 22.64 28.02
C ILE B 189 13.64 22.80 27.35
N SER B 190 14.66 22.14 27.91
CA SER B 190 15.97 22.03 27.26
C SER B 190 16.44 20.59 27.23
N ALA B 191 17.37 20.30 26.32
CA ALA B 191 17.88 18.93 26.15
C ALA B 191 19.29 18.84 26.66
N PHE B 192 19.62 17.68 27.25
CA PHE B 192 20.94 17.42 27.83
C PHE B 192 21.53 16.05 27.44
N LEU B 193 22.85 16.07 27.19
CA LEU B 193 23.63 14.85 27.03
C LEU B 193 24.09 14.41 28.42
N VAL B 194 23.67 13.21 28.82
CA VAL B 194 24.06 12.69 30.13
C VAL B 194 24.78 11.35 29.97
N PRO B 195 26.11 11.34 30.10
CA PRO B 195 26.83 10.06 30.24
C PRO B 195 26.15 9.15 31.25
N THR B 196 25.88 7.91 30.85
CA THR B 196 25.13 7.03 31.76
C THR B 196 25.94 6.74 33.03
N ASP B 197 27.21 7.17 33.05
CA ASP B 197 28.12 7.21 34.24
C ASP B 197 27.87 8.22 35.37
N THR B 198 27.14 9.31 35.11
CA THR B 198 27.07 10.40 36.08
C THR B 198 26.39 9.97 37.37
N PRO B 199 26.99 10.27 38.54
CA PRO B 199 26.31 9.93 39.79
C PRO B 199 24.97 10.66 39.88
N GLY B 200 23.98 10.01 40.50
CA GLY B 200 22.62 10.53 40.48
C GLY B 200 21.81 10.09 39.26
N PHE B 201 22.43 9.37 38.32
CA PHE B 201 21.76 8.71 37.17
C PHE B 201 21.46 7.26 37.59
N ILE B 202 20.25 7.03 38.08
CA ILE B 202 19.89 5.74 38.67
C ILE B 202 18.90 4.99 37.80
N VAL B 203 19.45 4.03 37.07
CA VAL B 203 18.71 3.09 36.25
C VAL B 203 18.11 2.02 37.15
N GLY B 204 16.79 1.84 37.11
CA GLY B 204 16.10 0.78 37.84
C GLY B 204 16.00 -0.49 37.00
N LYS B 205 15.28 -1.47 37.50
CA LYS B 205 15.18 -2.76 36.83
C LYS B 205 14.31 -2.67 35.57
N PRO B 206 14.68 -3.45 34.55
CA PRO B 206 13.89 -3.58 33.37
C PRO B 206 12.41 -3.89 33.67
N GLU B 207 11.49 -3.31 32.91
CA GLU B 207 10.06 -3.56 33.08
C GLU B 207 9.69 -4.94 32.55
N LYS B 208 8.70 -5.56 33.18
CA LYS B 208 8.17 -6.84 32.71
C LYS B 208 7.10 -6.59 31.64
N LYS B 209 7.37 -7.02 30.42
CA LYS B 209 6.53 -6.74 29.27
C LYS B 209 5.99 -8.02 28.61
N MET B 210 4.86 -7.86 27.89
CA MET B 210 4.23 -8.99 27.18
C MET B 210 5.22 -9.53 26.15
N GLY B 211 5.93 -8.61 25.53
CA GLY B 211 6.81 -8.95 24.42
C GLY B 211 7.93 -7.95 24.25
N ILE B 212 8.62 -8.02 23.09
CA ILE B 212 9.99 -7.50 23.00
C ILE B 212 10.71 -7.55 24.36
N ARG B 213 10.62 -8.72 25.00
CA ARG B 213 11.09 -8.87 26.36
C ARG B 213 12.59 -8.60 26.48
N ALA B 214 13.37 -9.02 25.49
CA ALA B 214 14.81 -8.80 25.53
C ALA B 214 15.21 -7.34 25.29
N SER B 215 14.25 -6.47 24.93
CA SER B 215 14.59 -5.05 24.87
C SER B 215 14.54 -4.41 26.24
N ASP B 216 15.69 -4.16 26.86
CA ASP B 216 15.75 -3.51 28.18
C ASP B 216 14.98 -2.17 28.21
N THR B 217 13.98 -2.08 29.08
CA THR B 217 13.11 -0.88 29.16
C THR B 217 13.02 -0.54 30.62
N CYS B 218 13.60 0.57 31.02
CA CYS B 218 13.86 0.84 32.44
C CYS B 218 13.34 2.19 32.91
N PRO B 219 12.85 2.26 34.16
CA PRO B 219 12.71 3.59 34.74
C PRO B 219 14.09 4.17 35.00
N ILE B 220 14.23 5.50 34.89
CA ILE B 220 15.49 6.16 35.28
C ILE B 220 15.22 7.39 36.15
N THR B 221 15.82 7.40 37.34
CA THR B 221 15.64 8.50 38.29
C THR B 221 16.88 9.39 38.30
N PHE B 222 16.63 10.70 38.37
CA PHE B 222 17.69 11.72 38.46
C PHE B 222 17.69 12.34 39.88
N GLU B 223 18.73 12.06 40.65
CA GLU B 223 18.84 12.56 42.02
C GLU B 223 20.05 13.49 42.07
N ASN B 224 19.79 14.81 42.02
CA ASN B 224 20.88 15.75 41.91
C ASN B 224 21.90 15.26 40.87
N CYS B 225 21.42 14.81 39.71
CA CYS B 225 22.33 14.41 38.63
C CYS B 225 23.00 15.65 38.05
N ALA B 226 24.32 15.74 38.23
CA ALA B 226 25.08 16.94 37.85
C ALA B 226 25.98 16.69 36.65
N ILE B 227 25.94 17.59 35.67
CA ILE B 227 26.72 17.44 34.43
C ILE B 227 27.32 18.80 34.05
N PRO B 228 28.45 18.80 33.28
CA PRO B 228 29.02 20.08 32.81
C PRO B 228 28.02 20.98 32.03
N GLU B 229 28.19 22.29 32.17
CA GLU B 229 27.33 23.28 31.49
C GLU B 229 27.22 23.07 29.98
N ASP B 230 28.33 22.60 29.39
CA ASP B 230 28.45 22.44 27.94
C ASP B 230 27.75 21.20 27.40
N ASN B 231 27.13 20.40 28.27
CA ASN B 231 26.31 19.26 27.86
C ASN B 231 24.86 19.63 27.52
N LEU B 232 24.54 20.91 27.64
CA LEU B 232 23.36 21.45 27.01
C LEU B 232 23.40 21.03 25.54
N LEU B 233 22.33 20.42 25.06
CA LEU B 233 22.19 20.07 23.63
C LEU B 233 21.32 21.13 22.95
N GLY B 234 21.89 21.83 21.98
CA GLY B 234 21.23 22.97 21.34
C GLY B 234 21.07 24.13 22.32
N ASN B 235 20.08 24.99 22.10
CA ASN B 235 19.89 26.16 22.97
C ASN B 235 18.93 25.87 24.10
N ARG B 236 19.09 26.64 25.17
CA ARG B 236 18.14 26.61 26.27
C ARG B 236 16.78 27.07 25.74
N GLY B 237 15.72 26.38 26.20
CA GLY B 237 14.36 26.57 25.67
C GLY B 237 14.06 25.83 24.36
N GLU B 238 15.06 25.12 23.81
CA GLU B 238 14.95 24.49 22.49
C GLU B 238 14.63 22.98 22.64
N GLY B 239 14.37 22.54 23.87
CA GLY B 239 14.15 21.12 24.15
C GLY B 239 13.04 20.47 23.34
N LEU B 240 11.94 21.19 23.15
CA LEU B 240 10.77 20.65 22.46
C LEU B 240 11.07 20.37 20.99
N LYS B 241 11.65 21.35 20.30
CA LYS B 241 12.12 21.20 18.91
C LYS B 241 13.02 20.00 18.80
N ILE B 242 14.01 19.87 19.68
CA ILE B 242 14.91 18.72 19.58
C ILE B 242 14.11 17.42 19.72
N ALA B 243 13.28 17.36 20.75
CA ALA B 243 12.47 16.16 21.05
C ALA B 243 11.58 15.71 19.87
N LEU B 244 11.15 16.65 19.04
CA LEU B 244 10.28 16.34 17.90
C LEU B 244 11.05 16.36 16.62
N SER B 245 12.38 16.29 16.66
CA SER B 245 13.12 16.51 15.43
C SER B 245 13.42 15.24 14.66
N ASN B 246 13.14 14.08 15.23
CA ASN B 246 13.40 12.85 14.54
C ASN B 246 12.16 11.96 14.42
N LEU B 247 10.97 12.55 14.44
CA LEU B 247 9.75 11.76 14.40
C LEU B 247 9.65 10.91 13.14
N GLU B 248 10.01 11.49 12.00
CA GLU B 248 9.81 10.82 10.71
C GLU B 248 10.60 9.52 10.65
N GLY B 249 11.90 9.62 10.96
CA GLY B 249 12.78 8.45 11.03
C GLY B 249 12.38 7.43 12.10
N GLY B 250 11.89 7.91 13.24
CA GLY B 250 11.44 7.04 14.33
C GLY B 250 10.24 6.22 13.84
N ARG B 251 9.30 6.90 13.19
CA ARG B 251 8.12 6.23 12.65
C ARG B 251 8.42 5.33 11.46
N ILE B 252 9.32 5.74 10.56
CA ILE B 252 9.80 4.83 9.52
C ILE B 252 10.35 3.54 10.10
N GLY B 253 11.23 3.64 11.10
CA GLY B 253 11.86 2.47 11.71
C GLY B 253 10.87 1.54 12.37
N ILE B 254 9.95 2.12 13.13
CA ILE B 254 8.96 1.32 13.83
C ILE B 254 7.93 0.70 12.86
N ALA B 255 7.57 1.43 11.80
CA ALA B 255 6.76 0.85 10.76
C ALA B 255 7.44 -0.39 10.15
N ALA B 256 8.70 -0.21 9.78
CA ALA B 256 9.47 -1.32 9.25
C ALA B 256 9.63 -2.48 10.24
N GLN B 257 9.69 -2.16 11.54
CA GLN B 257 9.75 -3.21 12.53
C GLN B 257 8.47 -4.06 12.50
N ALA B 258 7.33 -3.38 12.48
CA ALA B 258 6.03 -4.05 12.46
C ALA B 258 5.93 -4.95 11.24
N LEU B 259 6.40 -4.40 10.12
CA LEU B 259 6.42 -5.11 8.84
C LEU B 259 7.23 -6.40 8.90
N GLY B 260 8.40 -6.34 9.54
CA GLY B 260 9.30 -7.49 9.65
C GLY B 260 8.72 -8.59 10.53
N ILE B 261 8.04 -8.18 11.61
CA ILE B 261 7.48 -9.13 12.56
C ILE B 261 6.35 -9.89 11.88
N ALA B 262 5.45 -9.16 11.24
CA ALA B 262 4.37 -9.72 10.46
C ALA B 262 4.87 -10.71 9.42
N ARG B 263 5.87 -10.28 8.65
CA ARG B 263 6.47 -11.12 7.63
C ARG B 263 7.00 -12.42 8.17
N ALA B 264 7.75 -12.35 9.28
CA ALA B 264 8.29 -13.56 9.94
C ALA B 264 7.13 -14.54 10.22
N ALA B 265 6.04 -14.01 10.76
CA ALA B 265 4.88 -14.85 11.15
C ALA B 265 4.19 -15.44 9.93
N PHE B 266 4.00 -14.59 8.92
CA PHE B 266 3.50 -15.00 7.64
C PHE B 266 4.35 -16.11 7.05
N ASP B 267 5.67 -15.91 7.00
CA ASP B 267 6.55 -16.95 6.43
C ASP B 267 6.42 -18.28 7.19
N LYS B 268 6.25 -18.26 8.52
CA LYS B 268 6.10 -19.53 9.26
C LYS B 268 4.74 -20.16 8.93
N ALA B 269 3.75 -19.31 8.78
CA ALA B 269 2.41 -19.77 8.40
C ALA B 269 2.33 -20.38 6.97
N ARG B 270 2.94 -19.71 6.00
CA ARG B 270 2.99 -20.29 4.62
C ARG B 270 3.65 -21.65 4.61
N ARG B 271 4.81 -21.75 5.26
CA ARG B 271 5.55 -23.01 5.34
C ARG B 271 4.74 -24.07 6.12
N TYR B 272 4.17 -23.70 7.26
CA TYR B 272 3.36 -24.68 7.98
C TYR B 272 2.24 -25.19 7.07
N ALA B 273 1.51 -24.29 6.43
CA ALA B 273 0.38 -24.66 5.57
C ALA B 273 0.79 -25.46 4.34
N GLY B 274 1.99 -25.21 3.83
CA GLY B 274 2.43 -25.85 2.59
C GLY B 274 2.82 -27.30 2.80
N GLU B 275 3.19 -27.64 4.04
CA GLU B 275 3.78 -28.94 4.35
C GLU B 275 2.78 -29.96 4.87
N ARG B 276 1.76 -29.49 5.55
CA ARG B 276 0.72 -30.38 6.01
C ARG B 276 -0.24 -30.70 4.82
N VAL B 277 -0.41 -31.99 4.51
CA VAL B 277 -1.41 -32.43 3.54
C VAL B 277 -2.67 -32.94 4.24
N GLN B 278 -3.83 -32.59 3.69
CA GLN B 278 -5.13 -32.92 4.29
C GLN B 278 -6.12 -33.20 3.16
N PHE B 279 -6.77 -34.36 3.19
CA PHE B 279 -7.72 -34.77 2.14
C PHE B 279 -7.13 -34.64 0.73
N GLY B 280 -5.92 -35.16 0.53
CA GLY B 280 -5.29 -35.13 -0.81
C GLY B 280 -4.68 -33.80 -1.26
N LYS B 281 -4.79 -32.74 -0.46
CA LYS B 281 -4.11 -31.47 -0.77
C LYS B 281 -3.45 -30.80 0.49
N PRO B 282 -2.41 -29.99 0.25
CA PRO B 282 -1.86 -29.08 1.28
C PRO B 282 -2.96 -28.20 1.92
N ILE B 283 -2.95 -27.98 3.23
CA ILE B 283 -4.00 -27.12 3.84
C ILE B 283 -3.98 -25.66 3.37
N ALA B 284 -2.87 -25.22 2.79
CA ALA B 284 -2.82 -23.96 2.06
C ALA B 284 -3.82 -23.88 0.90
N GLU B 285 -4.43 -25.00 0.51
CA GLU B 285 -5.40 -24.98 -0.58
C GLU B 285 -6.85 -25.02 -0.10
N HIS B 286 -7.08 -25.17 1.20
CA HIS B 286 -8.41 -25.00 1.77
C HIS B 286 -8.70 -23.50 1.70
N GLN B 287 -9.90 -23.15 1.24
CA GLN B 287 -10.25 -21.77 0.88
C GLN B 287 -10.02 -20.81 2.03
N ALA B 288 -10.35 -21.25 3.24
CA ALA B 288 -10.22 -20.35 4.39
C ALA B 288 -8.73 -20.02 4.67
N ILE B 289 -7.83 -20.98 4.46
CA ILE B 289 -6.41 -20.71 4.68
C ILE B 289 -5.82 -19.84 3.55
N GLN B 290 -6.18 -20.15 2.29
CA GLN B 290 -5.86 -19.30 1.12
C GLN B 290 -6.27 -17.86 1.30
N GLN B 291 -7.50 -17.67 1.75
CA GLN B 291 -8.03 -16.32 2.03
C GLN B 291 -7.12 -15.59 2.99
N LYS B 292 -6.76 -16.27 4.07
CA LYS B 292 -5.89 -15.65 5.10
C LYS B 292 -4.52 -15.33 4.54
N LEU B 293 -3.92 -16.27 3.81
CA LEU B 293 -2.59 -16.04 3.25
C LEU B 293 -2.57 -14.89 2.26
N ALA B 294 -3.62 -14.82 1.45
CA ALA B 294 -3.71 -13.73 0.47
C ALA B 294 -3.81 -12.39 1.18
N ASP B 295 -4.71 -12.32 2.18
CA ASP B 295 -4.89 -11.09 2.91
C ASP B 295 -3.61 -10.69 3.63
N MET B 296 -2.88 -11.67 4.15
CA MET B 296 -1.64 -11.38 4.88
C MET B 296 -0.62 -10.81 3.91
N ALA B 297 -0.49 -11.39 2.71
CA ALA B 297 0.48 -10.87 1.72
C ALA B 297 0.19 -9.45 1.28
N VAL B 298 -1.09 -9.21 0.96
CA VAL B 298 -1.59 -7.88 0.58
C VAL B 298 -1.19 -6.83 1.62
N GLN B 299 -1.44 -7.12 2.89
CA GLN B 299 -1.22 -6.11 3.95
C GLN B 299 0.26 -5.83 4.17
N ILE B 300 1.05 -6.88 4.10
CA ILE B 300 2.49 -6.78 4.20
C ILE B 300 3.07 -5.94 3.06
N ASN B 301 2.66 -6.26 1.82
CA ASN B 301 3.12 -5.53 0.66
C ASN B 301 2.70 -4.07 0.68
N ALA B 302 1.47 -3.82 1.10
CA ALA B 302 0.98 -2.45 1.20
C ALA B 302 1.75 -1.68 2.27
N ALA B 303 1.93 -2.30 3.45
CA ALA B 303 2.75 -1.69 4.50
C ALA B 303 4.16 -1.35 4.00
N ARG B 304 4.82 -2.29 3.31
CA ARG B 304 6.16 -2.03 2.79
C ARG B 304 6.15 -0.85 1.82
N LEU B 305 5.20 -0.83 0.90
CA LEU B 305 5.13 0.32 -0.01
C LEU B 305 4.93 1.63 0.73
N LEU B 306 4.09 1.68 1.76
CA LEU B 306 3.95 2.92 2.55
C LEU B 306 5.25 3.30 3.27
N VAL B 307 5.94 2.31 3.85
CA VAL B 307 7.21 2.56 4.50
C VAL B 307 8.24 3.18 3.52
N HIS B 308 8.38 2.54 2.35
CA HIS B 308 9.35 2.99 1.38
C HIS B 308 8.98 4.34 0.77
N HIS B 309 7.70 4.63 0.67
CA HIS B 309 7.26 5.90 0.13
C HIS B 309 7.75 7.01 1.04
N ALA B 310 7.51 6.84 2.34
CA ALA B 310 7.92 7.81 3.36
C ALA B 310 9.45 7.98 3.36
N ALA B 311 10.14 6.85 3.21
CA ALA B 311 11.59 6.80 3.24
C ALA B 311 12.21 7.53 2.06
N LYS B 312 11.54 7.46 0.91
CA LYS B 312 12.01 8.18 -0.29
C LYS B 312 11.87 9.70 -0.12
N LEU B 313 10.74 10.13 0.41
CA LEU B 313 10.54 11.53 0.68
C LEU B 313 11.60 12.02 1.65
N ARG B 314 11.85 11.25 2.70
CA ARG B 314 12.79 11.63 3.74
C ARG B 314 14.18 11.71 3.17
N THR B 315 14.55 10.71 2.37
CA THR B 315 15.85 10.68 1.72
C THR B 315 16.03 11.97 0.98
N ALA B 316 14.98 12.40 0.29
CA ALA B 316 15.07 13.59 -0.55
C ALA B 316 14.96 14.91 0.27
N GLY B 317 14.95 14.82 1.59
CA GLY B 317 14.68 16.00 2.45
C GLY B 317 13.31 16.66 2.29
N LEU B 318 12.28 15.91 1.89
CA LEU B 318 10.93 16.48 1.70
C LEU B 318 10.01 16.27 2.95
N PRO B 319 8.98 17.14 3.15
CA PRO B 319 8.09 16.93 4.31
C PRO B 319 7.49 15.54 4.24
N CYS B 320 7.47 14.81 5.34
CA CYS B 320 6.98 13.43 5.29
C CYS B 320 6.49 12.91 6.63
N LEU B 321 6.07 13.82 7.50
CA LEU B 321 5.51 13.45 8.79
C LEU B 321 4.22 12.65 8.61
N SER B 322 3.32 13.11 7.72
CA SER B 322 2.06 12.40 7.51
C SER B 322 2.36 11.04 6.89
N GLU B 323 3.25 11.01 5.93
CA GLU B 323 3.51 9.74 5.25
C GLU B 323 4.13 8.73 6.19
N ALA B 324 5.02 9.19 7.07
CA ALA B 324 5.70 8.28 8.00
C ALA B 324 4.69 7.76 9.01
N SER B 325 3.78 8.63 9.41
CA SER B 325 2.73 8.31 10.35
C SER B 325 1.73 7.32 9.76
N GLN B 326 1.41 7.52 8.49
CA GLN B 326 0.53 6.60 7.80
C GLN B 326 1.15 5.23 7.72
N ALA B 327 2.44 5.16 7.37
CA ALA B 327 3.16 3.86 7.36
C ALA B 327 3.18 3.18 8.75
N LYS B 328 3.50 3.95 9.80
CA LYS B 328 3.56 3.40 11.14
C LYS B 328 2.18 2.86 11.60
N LEU B 329 1.13 3.64 11.37
CA LEU B 329 -0.25 3.28 11.76
C LEU B 329 -0.66 2.00 11.04
N PHE B 330 -0.46 2.00 9.71
CA PHE B 330 -0.93 0.86 8.90
C PHE B 330 -0.15 -0.39 9.18
N ALA B 331 1.17 -0.23 9.30
CA ALA B 331 2.02 -1.39 9.47
C ALA B 331 1.75 -1.98 10.84
N SER B 332 1.64 -1.09 11.83
CA SER B 332 1.36 -1.57 13.19
C SER B 332 0.02 -2.31 13.32
N GLU B 333 -1.05 -1.72 12.77
CA GLU B 333 -2.36 -2.35 12.87
C GLU B 333 -2.45 -3.67 12.10
N MET B 334 -1.93 -3.69 10.89
CA MET B 334 -1.95 -4.90 10.10
C MET B 334 -1.13 -6.02 10.74
N ALA B 335 -0.04 -5.65 11.42
CA ALA B 335 0.87 -6.70 11.99
C ALA B 335 0.15 -7.59 13.03
N GLU B 336 -0.69 -6.97 13.87
CA GLU B 336 -1.45 -7.72 14.84
C GLU B 336 -2.38 -8.69 14.09
N ARG B 337 -3.09 -8.20 13.06
CA ARG B 337 -4.02 -9.08 12.34
C ARG B 337 -3.27 -10.22 11.63
N VAL B 338 -2.15 -9.92 11.00
CA VAL B 338 -1.37 -10.92 10.31
C VAL B 338 -0.81 -11.92 11.27
N CYS B 339 -0.25 -11.47 12.41
CA CYS B 339 0.23 -12.41 13.47
C CYS B 339 -0.91 -13.25 14.07
N SER B 340 -2.12 -12.68 14.15
CA SER B 340 -3.27 -13.43 14.64
C SER B 340 -3.69 -14.56 13.64
N ASP B 341 -3.77 -14.24 12.35
CA ASP B 341 -4.03 -15.28 11.35
C ASP B 341 -2.94 -16.34 11.31
N ALA B 342 -1.68 -15.92 11.44
CA ALA B 342 -0.54 -16.89 11.50
C ALA B 342 -0.74 -17.91 12.61
N ILE B 343 -1.15 -17.42 13.80
CA ILE B 343 -1.44 -18.32 14.92
C ILE B 343 -2.54 -19.26 14.49
N GLN B 344 -3.56 -18.71 13.83
CA GLN B 344 -4.80 -19.44 13.55
C GLN B 344 -4.54 -20.53 12.50
N ILE B 345 -3.70 -20.20 11.54
CA ILE B 345 -3.34 -21.17 10.50
C ILE B 345 -2.68 -22.41 11.09
N HIS B 346 -1.93 -22.23 12.19
CA HIS B 346 -1.29 -23.33 12.92
C HIS B 346 -2.21 -24.15 13.81
N GLY B 347 -3.49 -23.77 13.95
CA GLY B 347 -4.37 -24.38 14.93
C GLY B 347 -3.73 -24.35 16.34
N GLY B 348 -3.95 -25.41 17.11
CA GLY B 348 -3.41 -25.50 18.47
C GLY B 348 -1.94 -25.20 18.65
N TYR B 349 -1.13 -25.67 17.69
CA TYR B 349 0.33 -25.44 17.66
C TYR B 349 0.71 -23.97 17.60
N GLY B 350 -0.18 -23.15 17.05
CA GLY B 350 0.01 -21.71 17.01
C GLY B 350 0.03 -21.05 18.39
N TYR B 351 -0.63 -21.70 19.37
CA TYR B 351 -0.62 -21.23 20.77
C TYR B 351 0.64 -21.67 21.58
N LEU B 352 1.48 -22.53 21.00
CA LEU B 352 2.64 -23.13 21.71
C LEU B 352 3.90 -22.32 21.53
N VAL B 353 4.63 -22.16 22.62
CA VAL B 353 5.85 -21.37 22.59
C VAL B 353 6.78 -21.92 21.51
N ASP B 354 6.85 -23.24 21.40
CA ASP B 354 7.73 -23.89 20.43
C ASP B 354 7.51 -23.45 18.98
N TYR B 355 6.29 -23.04 18.63
CA TYR B 355 6.03 -22.67 17.24
C TYR B 355 6.29 -21.20 16.91
N GLU B 356 6.71 -20.42 17.92
CA GLU B 356 7.22 -19.05 17.73
C GLU B 356 6.23 -17.96 17.20
N VAL B 357 5.20 -18.33 16.46
CA VAL B 357 4.21 -17.31 16.04
C VAL B 357 3.54 -16.60 17.24
N GLU B 358 3.35 -17.29 18.36
CA GLU B 358 2.82 -16.61 19.53
C GLU B 358 3.76 -15.48 20.00
N ARG B 359 5.07 -15.64 19.79
CA ARG B 359 5.98 -14.57 20.17
C ARG B 359 5.89 -13.42 19.19
N HIS B 360 5.71 -13.74 17.90
CA HIS B 360 5.49 -12.65 16.93
C HIS B 360 4.30 -11.82 17.30
N TYR B 361 3.21 -12.52 17.62
CA TYR B 361 1.99 -11.88 18.10
C TYR B 361 2.25 -10.95 19.28
N ARG B 362 2.90 -11.48 20.33
CA ARG B 362 3.23 -10.68 21.51
C ARG B 362 4.11 -9.48 21.20
N ASP B 363 5.10 -9.68 20.33
CA ASP B 363 6.03 -8.63 20.01
C ASP B 363 5.35 -7.58 19.13
N ALA B 364 4.54 -8.03 18.17
CA ALA B 364 3.87 -7.09 17.25
C ALA B 364 3.06 -6.03 17.98
N ARG B 365 2.42 -6.42 19.08
CA ARG B 365 1.44 -5.55 19.73
C ARG B 365 1.92 -4.18 20.21
N ILE B 366 3.19 -4.09 20.56
CA ILE B 366 3.77 -2.84 21.05
C ILE B 366 3.82 -1.79 19.95
N THR B 367 3.91 -2.23 18.69
CA THR B 367 4.08 -1.26 17.60
C THR B 367 2.91 -0.27 17.41
N GLN B 368 1.72 -0.60 17.92
CA GLN B 368 0.56 0.33 17.87
C GLN B 368 0.60 1.36 18.98
N ILE B 369 1.52 1.19 19.92
CA ILE B 369 1.55 1.98 21.15
C ILE B 369 2.71 2.96 21.18
N TYR B 370 3.95 2.46 21.06
CA TYR B 370 5.06 3.40 21.18
C TYR B 370 5.36 4.09 19.83
N GLU B 371 6.22 5.11 19.89
CA GLU B 371 6.56 5.94 18.77
C GLU B 371 5.30 6.64 18.28
N GLY B 372 4.49 7.10 19.22
CA GLY B 372 3.21 7.73 18.93
C GLY B 372 2.12 6.68 18.82
N THR B 373 1.18 6.66 19.76
CA THR B 373 0.01 5.74 19.72
C THR B 373 -0.74 5.87 18.37
N SER B 374 -1.49 4.86 17.96
CA SER B 374 -2.35 4.97 16.75
C SER B 374 -3.23 6.26 16.74
N GLU B 375 -3.78 6.63 17.91
CA GLU B 375 -4.64 7.81 18.04
C GLU B 375 -3.82 9.07 17.69
N VAL B 376 -2.57 9.17 18.20
CA VAL B 376 -1.64 10.26 17.82
C VAL B 376 -1.34 10.26 16.31
N GLN B 377 -1.11 9.09 15.75
CA GLN B 377 -0.88 8.99 14.31
C GLN B 377 -2.07 9.54 13.52
N ARG B 378 -3.26 9.09 13.89
CA ARG B 378 -4.53 9.56 13.24
C ARG B 378 -4.65 11.08 13.30
N MET B 379 -4.42 11.66 14.48
CA MET B 379 -4.47 13.12 14.64
C MET B 379 -3.51 13.87 13.71
N VAL B 380 -2.27 13.40 13.56
CA VAL B 380 -1.34 14.13 12.69
C VAL B 380 -1.74 13.94 11.22
N ILE B 381 -2.24 12.74 10.88
CA ILE B 381 -2.61 12.49 9.50
C ILE B 381 -3.74 13.46 9.11
N ALA B 382 -4.78 13.50 9.94
CA ALA B 382 -5.95 14.36 9.74
C ALA B 382 -5.63 15.83 9.70
N ARG B 383 -4.79 16.28 10.60
CA ARG B 383 -4.43 17.70 10.70
C ARG B 383 -3.79 18.21 9.38
N GLN B 384 -3.14 17.32 8.65
CA GLN B 384 -2.47 17.67 7.41
C GLN B 384 -3.40 17.62 6.17
N LEU B 385 -4.66 17.20 6.34
CA LEU B 385 -5.61 17.07 5.22
C LEU B 385 -6.29 18.38 4.88
PA FDA C . -20.38 -16.28 -10.17
O1A FDA C . -21.47 -17.31 -10.28
O2A FDA C . -19.08 -16.59 -10.87
O5B FDA C . -20.04 -16.01 -8.60
C5B FDA C . -21.04 -15.98 -7.59
C4B FDA C . -20.27 -15.81 -6.28
O4B FDA C . -19.66 -17.06 -5.94
C3B FDA C . -19.13 -14.80 -6.31
O3B FDA C . -19.02 -14.16 -5.03
C2B FDA C . -17.84 -15.58 -6.43
O2B FDA C . -16.74 -14.92 -5.76
C1B FDA C . -18.26 -16.88 -5.76
N9A FDA C . -17.54 -18.04 -6.30
C8A FDA C . -17.65 -18.59 -7.53
N7A FDA C . -16.80 -19.67 -7.65
C5A FDA C . -16.15 -19.81 -6.48
C6A FDA C . -15.14 -20.71 -5.90
N6A FDA C . -14.64 -21.71 -6.64
N1A FDA C . -14.74 -20.51 -4.62
C2A FDA C . -15.22 -19.51 -3.87
N3A FDA C . -16.14 -18.64 -4.33
C4A FDA C . -16.63 -18.74 -5.60
N1 FDA C . -17.75 -10.14 -18.44
C2 FDA C . -17.36 -10.09 -19.74
O2 FDA C . -17.06 -11.16 -20.36
N3 FDA C . -17.27 -8.94 -20.42
C4 FDA C . -17.57 -7.76 -19.85
O4 FDA C . -17.47 -6.73 -20.55
C4X FDA C . -18.01 -7.72 -18.41
N5 FDA C . -18.29 -6.60 -17.73
C5X FDA C . -19.12 -6.66 -16.68
C6 FDA C . -19.82 -5.52 -16.28
C7 FDA C . -20.72 -5.53 -15.21
C7M FDA C . -21.42 -4.26 -14.86
C8 FDA C . -20.93 -6.71 -14.51
C8M FDA C . -21.87 -6.80 -13.34
C9 FDA C . -20.22 -7.85 -14.88
C9A FDA C . -19.31 -7.85 -15.98
N10 FDA C . -18.55 -9.01 -16.38
C10 FDA C . -18.10 -9.03 -17.73
C1' FDA C . -18.99 -10.28 -15.77
C2' FDA C . -18.19 -10.44 -14.47
O2' FDA C . -16.84 -10.67 -14.87
C3' FDA C . -18.79 -11.56 -13.63
O3' FDA C . -19.97 -11.08 -13.00
C4' FDA C . -17.83 -12.11 -12.57
O4' FDA C . -16.87 -12.96 -13.23
C5' FDA C . -18.60 -12.93 -11.52
O5' FDA C . -19.26 -13.99 -12.21
P FDA C . -20.83 -14.22 -12.09
O1P FDA C . -21.52 -12.89 -12.25
O2P FDA C . -21.15 -15.34 -13.03
O3P FDA C . -20.92 -14.80 -10.60
UNK UNX D . -8.34 -6.16 0.74
UNK UNX E . -8.78 -3.96 6.89
UNK UNX F . -7.24 -2.70 5.94
UNK UNX G . -7.67 -1.01 7.03
UNK UNX H . -8.66 0.80 8.31
UNK UNX I . -6.67 1.83 8.34
UNK UNX J . -14.42 -5.56 -16.24
UNK UNX K . -15.19 -7.07 -18.08
UNK UNX L . -13.60 -8.21 -18.96
UNK UNX M . -12.05 -9.88 -18.14
UNK UNX N . -11.17 -11.86 -17.66
PA FDA O . -1.10 7.55 27.31
O1A FDA O . -1.56 7.92 28.71
O2A FDA O . -0.41 8.61 26.47
O5B FDA O . -2.41 7.07 26.51
C5B FDA O . -3.34 6.14 27.08
C4B FDA O . -4.25 5.73 25.94
O4B FDA O . -5.19 6.79 25.77
C3B FDA O . -3.49 5.52 24.61
O3B FDA O . -3.99 4.44 23.81
C2B FDA O . -3.73 6.78 23.83
O2B FDA O . -3.81 6.50 22.43
C1B FDA O . -5.05 7.28 24.42
N9A FDA O . -5.06 8.75 24.38
C8A FDA O . -4.33 9.62 25.12
N7A FDA O . -4.60 10.90 24.77
C5A FDA O . -5.50 10.85 23.77
C6A FDA O . -6.23 11.82 22.95
N6A FDA O . -5.99 13.14 23.14
N1A FDA O . -7.10 11.34 22.01
C2A FDA O . -7.30 10.00 21.83
N3A FDA O . -6.68 9.06 22.56
C4A FDA O . -5.80 9.42 23.51
N1 FDA O . 9.34 6.73 25.96
C2 FDA O . 10.57 7.31 26.03
O2 FDA O . 10.71 8.51 26.45
N3 FDA O . 11.71 6.66 25.65
C4 FDA O . 11.68 5.41 25.17
O4 FDA O . 12.74 4.84 24.83
C4X FDA O . 10.37 4.70 25.06
N5 FDA O . 10.23 3.46 24.59
C5X FDA O . 9.23 2.71 25.10
C6 FDA O . 9.40 1.34 25.16
C7 FDA O . 8.42 0.50 25.61
C7M FDA O . 8.72 -0.97 25.63
C8 FDA O . 7.22 1.03 26.05
C8M FDA O . 6.12 0.16 26.58
C9 FDA O . 7.02 2.43 25.96
C9A FDA O . 8.04 3.28 25.48
N10 FDA O . 7.93 4.72 25.38
C10 FDA O . 9.17 5.45 25.50
C1' FDA O . 6.72 5.32 25.96
C2' FDA O . 5.69 5.32 24.84
O2' FDA O . 6.12 6.31 23.91
C3' FDA O . 4.30 5.61 25.40
O3' FDA O . 4.04 4.59 26.37
C4' FDA O . 3.20 5.58 24.33
O4' FDA O . 3.43 6.55 23.29
C5' FDA O . 1.81 5.76 24.96
O5' FDA O . 1.83 6.66 26.07
P FDA O . 1.39 6.21 27.55
O1P FDA O . 1.70 7.34 28.50
O2P FDA O . 1.92 4.85 27.86
O3P FDA O . -0.21 6.20 27.36
UNK UNX P . -6.98 -7.55 1.93
UNK UNX Q . -7.18 -6.89 4.09
UNK UNX R . -8.23 -6.39 5.93
UNK UNX S . -7.00 -4.61 5.00
UNK UNX T . -4.41 1.42 9.63
UNK UNX U . 10.11 4.00 20.84
UNK UNX V . 8.06 6.20 22.05
UNK UNX W . 11.32 7.36 21.29
UNK UNX X . 9.48 11.21 20.75
UNK UNX Y . 8.13 12.82 20.88
#